data_8GB8
#
_entry.id   8GB8
#
_cell.length_a   44.544
_cell.length_b   132.184
_cell.length_c   170.470
_cell.angle_alpha   90.00
_cell.angle_beta   90.00
_cell.angle_gamma   90.00
#
_symmetry.space_group_name_H-M   'P 21 21 21'
#
loop_
_entity.id
_entity.type
_entity.pdbx_description
1 polymer 'Spike protein S1'
2 polymer '20A7 Heavy chain'
3 polymer '20A7 Light chain'
4 non-polymer 2-acetamido-2-deoxy-beta-D-glucopyranose
5 non-polymer 1,2-ETHANEDIOL
6 non-polymer GLYCEROL
7 non-polymer GLYCINE
8 non-polymer DI(HYDROXYETHYL)ETHER
9 water water
#
loop_
_entity_poly.entity_id
_entity_poly.type
_entity_poly.pdbx_seq_one_letter_code
_entity_poly.pdbx_strand_id
1 'polypeptide(L)'
;RVQPTESIVRFPNITNLCPFDEVFNATRFASVYAWNRKRISNCVADYSVLYNFAPFFAFKCYGVSPTKLNDLCFTNVYAD
SFVIRGNEVSQIAPGQTGNIADYNYKLPDDFTGCVIAWNSNKLDSKVGGNYNYLYRLFRKSNLKPFERDISTEIYQAGNK
PCNGVAGFNCYFPLRSYGFRPTYGVGHQPYRVVVLSFELLHAPATVCGPKKSTNLVKNKCVNFSGHHHHHH
;
E
2 'polypeptide(L)'
;DVQLVESGGGLVKPGGSLRLSCVASGFTFSNSEMHWVRQAPGKGLEWVSVISESGETTHYADSVKGRFTISRDNANNLLL
LQMNSLRADDTAVYYCTRYNWNNRVYALDSWGQGVVVTVSSASTKGPSVFPLAPSSKSTSGGTAALGCLVKDYFPEPVTV
SWNSGALTSGVHTFPAVLQSSGLYSLSSVVTVPSSSLGTQTYICNVNHKPSNTKVDKKVEPKSC
;
H
3 'polypeptide(L)'
;EIVLTQSPATLSLSPGEGASLSCRASQTVIGSLAWYQQKPGQAPRLLIYGASSRATGIPDRFSGSGSGTDFTLTISSLEP
EDFAVYYCQQYGNWPLTFGPGTRLDIRRTVAAPSVFIFPPSDEQLKSGTASVVCLLNNFYPREAKVQWKVDNALQSGNSQ
ESVTEQDSKDSTYSLSSTLTLSKADYEKHKVYACEVTHQGLSSPVTKSFNRGEC
;
L
#
loop_
_chem_comp.id
_chem_comp.type
_chem_comp.name
_chem_comp.formula
EDO non-polymer 1,2-ETHANEDIOL 'C2 H6 O2'
GOL non-polymer GLYCEROL 'C3 H8 O3'
NAG D-saccharide, beta linking 2-acetamido-2-deoxy-beta-D-glucopyranose 'C8 H15 N O6'
PEG non-polymer DI(HYDROXYETHYL)ETHER 'C4 H10 O3'
#
# COMPACT_ATOMS: atom_id res chain seq x y z
N THR A 15 10.98 -39.99 -12.77
CA THR A 15 12.08 -40.89 -13.11
C THR A 15 13.25 -40.76 -12.12
N ASN A 16 13.32 -41.69 -11.18
CA ASN A 16 14.33 -41.72 -10.12
C ASN A 16 14.28 -40.50 -9.22
N LEU A 17 13.23 -39.68 -9.32
CA LEU A 17 13.09 -38.47 -8.53
C LEU A 17 12.16 -38.73 -7.34
N CYS A 18 12.56 -38.22 -6.18
CA CYS A 18 11.76 -38.41 -4.98
C CYS A 18 10.45 -37.63 -5.09
N PRO A 19 9.34 -38.18 -4.61
CA PRO A 19 8.01 -37.56 -4.80
C PRO A 19 7.73 -36.43 -3.80
N PHE A 20 8.49 -35.35 -3.90
CA PHE A 20 8.22 -34.18 -3.07
C PHE A 20 6.95 -33.47 -3.51
N ASP A 21 6.59 -33.56 -4.79
CA ASP A 21 5.39 -32.91 -5.29
C ASP A 21 4.12 -33.54 -4.69
N GLU A 22 4.13 -34.85 -4.45
CA GLU A 22 2.97 -35.49 -3.83
C GLU A 22 2.74 -34.97 -2.42
N VAL A 23 3.81 -34.56 -1.73
CA VAL A 23 3.65 -34.04 -0.38
C VAL A 23 3.28 -32.56 -0.40
N PHE A 24 4.04 -31.75 -1.13
CA PHE A 24 3.82 -30.30 -1.09
C PHE A 24 2.56 -29.91 -1.86
N ASN A 25 2.34 -30.49 -3.04
CA ASN A 25 1.21 -30.15 -3.89
C ASN A 25 -0.04 -30.97 -3.58
N ALA A 26 -0.13 -31.56 -2.41
CA ALA A 26 -1.30 -32.35 -2.05
C ALA A 26 -2.53 -31.47 -1.93
N THR A 27 -3.66 -31.98 -2.41
CA THR A 27 -4.91 -31.21 -2.37
C THR A 27 -5.35 -30.97 -0.93
N ARG A 28 -5.31 -32.00 -0.10
CA ARG A 28 -5.73 -31.92 1.29
C ARG A 28 -4.60 -32.34 2.20
N PHE A 29 -4.48 -31.67 3.34
CA PHE A 29 -3.46 -31.98 4.34
C PHE A 29 -4.11 -32.60 5.56
N ALA A 30 -3.31 -33.35 6.32
CA ALA A 30 -3.80 -33.99 7.52
C ALA A 30 -3.94 -32.98 8.66
N SER A 31 -4.79 -33.33 9.62
CA SER A 31 -4.85 -32.58 10.86
C SER A 31 -3.55 -32.78 11.64
N VAL A 32 -3.19 -31.77 12.44
CA VAL A 32 -1.89 -31.79 13.10
C VAL A 32 -1.81 -32.94 14.12
N TYR A 33 -2.91 -33.23 14.81
CA TYR A 33 -2.90 -34.34 15.76
C TYR A 33 -2.71 -35.68 15.06
N ALA A 34 -3.16 -35.78 13.80
CA ALA A 34 -3.01 -36.99 13.01
C ALA A 34 -2.09 -36.72 11.83
N TRP A 35 -0.97 -36.05 12.10
CA TRP A 35 -0.09 -35.59 11.03
C TRP A 35 0.37 -36.74 10.15
N ASN A 36 0.45 -36.48 8.85
CA ASN A 36 0.80 -37.52 7.89
C ASN A 36 2.31 -37.61 7.73
N ARG A 37 2.81 -38.83 7.56
CA ARG A 37 4.23 -39.06 7.36
C ARG A 37 4.43 -39.85 6.07
N LYS A 38 5.32 -39.35 5.21
CA LYS A 38 5.73 -40.04 4.00
C LYS A 38 7.21 -40.41 4.13
N ARG A 39 7.51 -41.70 4.00
CA ARG A 39 8.87 -42.19 4.04
C ARG A 39 9.43 -42.21 2.62
N ILE A 40 10.59 -41.58 2.43
CA ILE A 40 11.20 -41.47 1.12
C ILE A 40 12.61 -42.04 1.20
N SER A 41 12.91 -42.99 0.31
CA SER A 41 14.21 -43.64 0.22
C SER A 41 14.38 -44.17 -1.19
N ASN A 42 15.63 -44.45 -1.55
CA ASN A 42 15.98 -45.05 -2.85
C ASN A 42 15.48 -44.17 -4.00
N CYS A 43 15.88 -42.90 -3.99
CA CYS A 43 15.56 -41.98 -5.07
C CYS A 43 16.54 -40.83 -5.04
N VAL A 44 16.61 -40.11 -6.16
CA VAL A 44 17.45 -38.93 -6.28
C VAL A 44 16.61 -37.72 -5.88
N ALA A 45 17.01 -37.05 -4.80
CA ALA A 45 16.25 -35.94 -4.24
C ALA A 45 16.73 -34.64 -4.84
N ASP A 46 15.82 -33.92 -5.50
CA ASP A 46 16.10 -32.60 -6.07
C ASP A 46 15.45 -31.55 -5.18
N TYR A 47 16.23 -30.98 -4.27
CA TYR A 47 15.72 -29.93 -3.39
C TYR A 47 15.47 -28.62 -4.12
N SER A 48 15.95 -28.49 -5.36
CA SER A 48 15.78 -27.23 -6.10
C SER A 48 14.31 -26.92 -6.31
N VAL A 49 13.49 -27.94 -6.56
CA VAL A 49 12.06 -27.73 -6.73
C VAL A 49 11.37 -27.27 -5.46
N LEU A 50 12.04 -27.39 -4.31
CA LEU A 50 11.49 -26.92 -3.04
C LEU A 50 11.94 -25.50 -2.69
N TYR A 51 12.78 -24.89 -3.52
CA TYR A 51 13.12 -23.47 -3.38
C TYR A 51 12.21 -22.58 -4.20
N ASN A 52 11.22 -23.15 -4.90
CA ASN A 52 10.43 -22.40 -5.86
C ASN A 52 9.37 -21.53 -5.18
N PHE A 53 8.57 -22.13 -4.31
CA PHE A 53 7.39 -21.46 -3.76
C PHE A 53 7.77 -20.23 -2.94
N ALA A 54 7.44 -19.05 -3.48
CA ALA A 54 7.74 -17.80 -2.78
C ALA A 54 7.03 -17.64 -1.44
N PRO A 55 5.72 -17.97 -1.28
CA PRO A 55 5.02 -17.58 -0.04
C PRO A 55 5.53 -18.25 1.24
N PHE A 56 6.64 -18.97 1.18
CA PHE A 56 7.17 -19.67 2.34
C PHE A 56 7.31 -18.76 3.55
N PHE A 57 6.49 -19.00 4.58
CA PHE A 57 6.58 -18.25 5.83
C PHE A 57 7.75 -18.71 6.67
N ALA A 58 8.14 -19.98 6.55
CA ALA A 58 9.27 -20.51 7.29
C ALA A 58 10.02 -21.53 6.43
N PHE A 59 11.34 -21.37 6.35
CA PHE A 59 12.24 -22.33 5.72
C PHE A 59 13.43 -22.56 6.64
N LYS A 60 13.16 -22.90 7.90
CA LYS A 60 14.20 -22.95 8.91
C LYS A 60 14.82 -24.34 8.95
N CYS A 61 16.12 -24.41 8.69
CA CYS A 61 16.86 -25.67 8.67
C CYS A 61 17.78 -25.74 9.88
N TYR A 62 17.75 -26.87 10.58
CA TYR A 62 18.56 -27.10 11.77
C TYR A 62 19.48 -28.29 11.51
N GLY A 63 20.78 -28.07 11.69
CA GLY A 63 21.77 -29.11 11.54
C GLY A 63 22.37 -29.26 10.17
N VAL A 64 21.86 -28.56 9.16
CA VAL A 64 22.36 -28.69 7.79
C VAL A 64 22.05 -27.40 7.04
N SER A 65 22.98 -27.01 6.15
CA SER A 65 22.76 -25.87 5.27
C SER A 65 21.86 -26.28 4.11
N PRO A 66 20.98 -25.37 3.65
CA PRO A 66 20.10 -25.73 2.53
C PRO A 66 20.82 -26.09 1.25
N THR A 67 21.96 -25.44 0.97
CA THR A 67 22.68 -25.71 -0.27
C THR A 67 23.42 -27.04 -0.21
N LYS A 68 23.91 -27.43 0.96
CA LYS A 68 24.63 -28.68 1.10
C LYS A 68 23.71 -29.90 1.02
N LEU A 69 22.40 -29.71 1.12
CA LEU A 69 21.47 -30.83 1.01
C LEU A 69 21.58 -31.51 -0.35
N ASN A 70 21.76 -30.73 -1.41
CA ASN A 70 21.96 -31.29 -2.74
C ASN A 70 23.27 -32.05 -2.88
N ASP A 71 24.19 -31.91 -1.91
CA ASP A 71 25.49 -32.57 -1.96
C ASP A 71 25.67 -33.57 -0.81
N LEU A 72 24.58 -34.07 -0.24
CA LEU A 72 24.65 -34.97 0.91
C LEU A 72 23.82 -36.22 0.64
N CYS A 73 24.17 -37.29 1.34
CA CYS A 73 23.50 -38.58 1.23
C CYS A 73 22.98 -38.99 2.60
N PHE A 74 21.73 -39.47 2.63
CA PHE A 74 21.08 -39.88 3.87
C PHE A 74 20.45 -41.25 3.69
N THR A 75 20.38 -42.00 4.79
CA THR A 75 19.76 -43.32 4.75
C THR A 75 18.27 -43.22 4.43
N ASN A 76 17.57 -42.27 5.05
CA ASN A 76 16.14 -42.09 4.81
C ASN A 76 15.81 -40.63 4.95
N VAL A 77 14.68 -40.22 4.36
CA VAL A 77 14.09 -38.93 4.69
C VAL A 77 12.62 -39.13 4.98
N TYR A 78 12.10 -38.30 5.90
CA TYR A 78 10.71 -38.38 6.33
C TYR A 78 10.07 -37.01 6.14
N ALA A 79 8.93 -36.98 5.47
CA ALA A 79 8.18 -35.75 5.23
C ALA A 79 6.89 -35.82 6.05
N ASP A 80 6.83 -35.04 7.13
CA ASP A 80 5.66 -34.94 7.98
C ASP A 80 4.88 -33.69 7.60
N SER A 81 3.65 -33.88 7.14
CA SER A 81 2.81 -32.78 6.69
C SER A 81 1.58 -32.67 7.57
N PHE A 82 1.19 -31.42 7.85
CA PHE A 82 -0.01 -31.13 8.61
C PHE A 82 -0.39 -29.66 8.43
N VAL A 83 -1.46 -29.25 9.08
CA VAL A 83 -1.98 -27.88 9.02
C VAL A 83 -2.15 -27.37 10.44
N ILE A 84 -1.68 -26.14 10.69
CA ILE A 84 -1.86 -25.47 11.98
C ILE A 84 -2.31 -24.04 11.71
N ARG A 85 -2.42 -23.26 12.78
CA ARG A 85 -2.62 -21.83 12.61
C ARG A 85 -1.27 -21.12 12.58
N GLY A 86 -1.28 -19.91 12.04
CA GLY A 86 -0.02 -19.21 11.81
C GLY A 86 0.78 -18.98 13.07
N ASN A 87 0.12 -18.55 14.15
CA ASN A 87 0.81 -18.23 15.39
C ASN A 87 1.48 -19.46 16.00
N GLU A 88 1.07 -20.66 15.61
CA GLU A 88 1.68 -21.89 16.12
C GLU A 88 2.85 -22.37 15.29
N VAL A 89 3.16 -21.70 14.17
CA VAL A 89 4.26 -22.13 13.32
C VAL A 89 5.59 -22.09 14.08
N SER A 90 5.74 -21.12 14.98
CA SER A 90 6.96 -21.03 15.78
C SER A 90 7.17 -22.25 16.67
N GLN A 91 6.10 -22.99 16.98
CA GLN A 91 6.23 -24.17 17.84
C GLN A 91 6.84 -25.37 17.12
N ILE A 92 6.93 -25.34 15.79
CA ILE A 92 7.53 -26.44 15.04
C ILE A 92 9.02 -26.14 14.95
N ALA A 93 9.74 -26.48 16.02
CA ALA A 93 11.15 -26.20 16.14
C ALA A 93 11.68 -26.93 17.37
N PRO A 94 12.97 -27.24 17.40
CA PRO A 94 13.54 -27.92 18.58
C PRO A 94 13.35 -27.10 19.84
N GLY A 95 13.05 -27.79 20.94
CA GLY A 95 12.98 -27.15 22.24
C GLY A 95 11.89 -26.11 22.38
N GLN A 96 10.71 -26.37 21.82
CA GLN A 96 9.59 -25.45 21.91
C GLN A 96 8.51 -26.01 22.83
N THR A 97 7.68 -25.11 23.33
CA THR A 97 6.55 -25.45 24.18
C THR A 97 5.29 -24.80 23.61
N GLY A 98 4.15 -25.23 24.13
CA GLY A 98 2.85 -24.77 23.67
C GLY A 98 1.95 -25.94 23.34
N ASN A 99 0.75 -25.61 22.88
CA ASN A 99 -0.26 -26.62 22.61
C ASN A 99 0.21 -27.60 21.54
N ILE A 100 0.72 -27.08 20.42
CA ILE A 100 1.12 -27.94 19.31
C ILE A 100 2.36 -28.75 19.68
N ALA A 101 3.36 -28.09 20.28
CA ALA A 101 4.62 -28.77 20.59
C ALA A 101 4.41 -29.85 21.65
N ASP A 102 3.51 -29.61 22.61
CA ASP A 102 3.34 -30.54 23.71
C ASP A 102 2.30 -31.64 23.43
N TYR A 103 1.24 -31.34 22.67
CA TYR A 103 0.12 -32.25 22.54
C TYR A 103 -0.12 -32.78 21.14
N ASN A 104 0.45 -32.17 20.10
CA ASN A 104 0.13 -32.56 18.73
C ASN A 104 1.33 -33.01 17.92
N TYR A 105 2.43 -32.25 17.94
CA TYR A 105 3.61 -32.60 17.15
C TYR A 105 4.84 -32.02 17.82
N LYS A 106 5.79 -32.88 18.16
CA LYS A 106 7.00 -32.49 18.88
C LYS A 106 8.23 -32.90 18.08
N LEU A 107 9.18 -31.97 17.95
CA LEU A 107 10.46 -32.24 17.32
C LEU A 107 11.53 -32.49 18.37
N PRO A 108 12.51 -33.36 18.10
CA PRO A 108 13.55 -33.63 19.09
C PRO A 108 14.47 -32.43 19.26
N ASP A 109 15.12 -32.37 20.43
CA ASP A 109 16.06 -31.29 20.70
C ASP A 109 17.25 -31.33 19.76
N ASP A 110 17.63 -32.51 19.29
CA ASP A 110 18.73 -32.70 18.35
C ASP A 110 18.22 -32.86 16.92
N PHE A 111 17.15 -32.15 16.58
CA PHE A 111 16.53 -32.29 15.27
C PHE A 111 17.51 -31.92 14.15
N THR A 112 17.56 -32.77 13.13
CA THR A 112 18.40 -32.56 11.96
C THR A 112 17.47 -32.58 10.74
N GLY A 113 17.09 -31.40 10.28
CA GLY A 113 16.15 -31.33 9.16
C GLY A 113 15.62 -29.92 9.01
N CYS A 114 14.65 -29.79 8.11
CA CYS A 114 14.15 -28.48 7.68
C CYS A 114 12.63 -28.39 7.89
N VAL A 115 12.20 -27.29 8.47
CA VAL A 115 10.79 -26.99 8.67
C VAL A 115 10.38 -25.96 7.63
N ILE A 116 9.36 -26.29 6.83
CA ILE A 116 8.83 -25.40 5.80
C ILE A 116 7.35 -25.17 6.10
N ALA A 117 6.94 -23.91 6.08
CA ALA A 117 5.56 -23.55 6.39
C ALA A 117 5.13 -22.38 5.53
N TRP A 118 3.91 -22.46 4.99
CA TRP A 118 3.38 -21.40 4.15
C TRP A 118 1.89 -21.20 4.40
N ASN A 119 1.44 -19.97 4.25
CA ASN A 119 0.03 -19.63 4.43
C ASN A 119 -0.81 -20.35 3.39
N SER A 120 -1.94 -20.91 3.84
CA SER A 120 -2.83 -21.68 2.98
C SER A 120 -4.28 -21.28 3.22
N ASN A 121 -4.52 -19.98 3.44
CA ASN A 121 -5.88 -19.50 3.62
C ASN A 121 -6.73 -19.75 2.38
N LYS A 122 -6.11 -19.74 1.19
CA LYS A 122 -6.84 -20.00 -0.04
C LYS A 122 -7.40 -21.42 -0.07
N LEU A 123 -6.62 -22.39 0.39
CA LEU A 123 -6.98 -23.79 0.23
C LEU A 123 -7.79 -24.36 1.40
N ASP A 124 -7.44 -23.99 2.63
CA ASP A 124 -7.93 -24.70 3.81
C ASP A 124 -8.99 -23.94 4.59
N SER A 125 -9.41 -22.76 4.14
CA SER A 125 -10.44 -22.00 4.82
C SER A 125 -11.69 -21.94 3.95
N LYS A 126 -12.85 -22.00 4.60
CA LYS A 126 -14.13 -21.94 3.90
C LYS A 126 -15.06 -20.96 4.62
N VAL A 127 -15.96 -20.36 3.84
CA VAL A 127 -16.99 -19.51 4.42
C VAL A 127 -17.89 -20.37 5.29
N GLY A 128 -18.11 -19.92 6.52
CA GLY A 128 -18.81 -20.71 7.51
C GLY A 128 -17.93 -21.63 8.33
N GLY A 129 -16.64 -21.74 7.99
CA GLY A 129 -15.71 -22.50 8.80
C GLY A 129 -15.36 -23.87 8.25
N ASN A 130 -14.07 -24.14 8.10
CA ASN A 130 -13.57 -25.47 7.77
C ASN A 130 -13.31 -26.19 9.09
N TYR A 131 -14.20 -27.12 9.45
CA TYR A 131 -14.13 -27.81 10.72
C TYR A 131 -13.44 -29.16 10.61
N ASN A 132 -12.85 -29.48 9.46
CA ASN A 132 -12.16 -30.75 9.28
C ASN A 132 -10.75 -30.77 9.86
N TYR A 133 -10.19 -29.61 10.20
CA TYR A 133 -8.84 -29.54 10.77
C TYR A 133 -8.97 -29.45 12.29
N LEU A 134 -8.35 -30.40 12.98
CA LEU A 134 -8.47 -30.54 14.42
C LEU A 134 -7.10 -30.52 15.09
N TYR A 135 -7.10 -30.23 16.38
CA TYR A 135 -5.91 -30.29 17.21
C TYR A 135 -6.28 -30.84 18.57
N ARG A 136 -5.29 -31.42 19.24
CA ARG A 136 -5.51 -31.95 20.58
C ARG A 136 -5.33 -30.84 21.61
N LEU A 137 -6.34 -30.64 22.45
CA LEU A 137 -6.32 -29.62 23.47
C LEU A 137 -5.92 -30.15 24.85
N PHE A 138 -6.27 -31.39 25.17
CA PHE A 138 -6.02 -31.96 26.49
C PHE A 138 -5.26 -33.27 26.33
N ARG A 139 -4.22 -33.44 27.14
CA ARG A 139 -3.48 -34.70 27.19
C ARG A 139 -2.84 -34.85 28.56
N LYS A 140 -2.70 -36.12 28.99
CA LYS A 140 -2.16 -36.40 30.32
C LYS A 140 -0.69 -36.02 30.43
N SER A 141 0.04 -36.01 29.32
CA SER A 141 1.47 -35.75 29.36
C SER A 141 1.91 -35.24 27.99
N ASN A 142 3.11 -34.67 27.95
CA ASN A 142 3.67 -34.15 26.71
C ASN A 142 4.03 -35.29 25.77
N LEU A 143 3.97 -35.00 24.46
CA LEU A 143 4.36 -35.99 23.46
C LEU A 143 5.87 -36.18 23.43
N LYS A 144 6.29 -37.42 23.20
CA LYS A 144 7.68 -37.68 22.88
C LYS A 144 7.93 -37.24 21.43
N PRO A 145 9.19 -37.02 21.06
CA PRO A 145 9.48 -36.61 19.67
C PRO A 145 8.94 -37.61 18.67
N PHE A 146 8.34 -37.08 17.60
CA PHE A 146 7.79 -37.88 16.50
C PHE A 146 6.75 -38.88 17.00
N GLU A 147 5.95 -38.48 17.97
CA GLU A 147 4.83 -39.27 18.45
C GLU A 147 3.53 -38.76 17.84
N ARG A 148 2.67 -39.70 17.43
CA ARG A 148 1.38 -39.38 16.83
C ARG A 148 0.29 -40.00 17.70
N ASP A 149 -0.50 -39.15 18.36
CA ASP A 149 -1.57 -39.59 19.25
C ASP A 149 -2.90 -39.27 18.58
N ILE A 150 -3.63 -40.31 18.19
CA ILE A 150 -4.91 -40.17 17.52
C ILE A 150 -6.06 -40.60 18.43
N SER A 151 -5.82 -40.66 19.73
CA SER A 151 -6.85 -41.09 20.67
C SER A 151 -7.95 -40.03 20.79
N THR A 152 -9.20 -40.50 20.82
CA THR A 152 -10.36 -39.66 21.07
C THR A 152 -10.96 -39.91 22.45
N GLU A 153 -10.19 -40.55 23.34
CA GLU A 153 -10.69 -40.86 24.68
C GLU A 153 -10.99 -39.58 25.45
N ILE A 154 -12.06 -39.62 26.25
CA ILE A 154 -12.46 -38.46 27.02
C ILE A 154 -11.40 -38.15 28.06
N TYR A 155 -10.99 -36.88 28.13
CA TYR A 155 -9.96 -36.43 29.06
C TYR A 155 -10.58 -36.27 30.45
N GLN A 156 -10.02 -36.97 31.42
CA GLN A 156 -10.48 -36.90 32.81
C GLN A 156 -9.70 -35.81 33.52
N ALA A 157 -10.29 -34.61 33.60
CA ALA A 157 -9.69 -33.50 34.32
C ALA A 157 -10.15 -33.42 35.76
N GLY A 158 -11.08 -34.27 36.18
CA GLY A 158 -11.52 -34.30 37.56
C GLY A 158 -11.20 -35.62 38.23
N ASN A 159 -11.78 -35.85 39.42
CA ASN A 159 -11.56 -37.10 40.13
C ASN A 159 -12.59 -38.17 39.78
N LYS A 160 -13.70 -37.79 39.16
CA LYS A 160 -14.74 -38.75 38.78
C LYS A 160 -14.39 -39.36 37.42
N PRO A 161 -14.30 -40.68 37.31
CA PRO A 161 -14.05 -41.29 35.99
C PRO A 161 -15.14 -40.94 35.00
N CYS A 162 -14.71 -40.69 33.75
CA CYS A 162 -15.63 -40.24 32.71
C CYS A 162 -16.50 -41.38 32.17
N ASN A 163 -15.91 -42.57 32.01
CA ASN A 163 -16.59 -43.71 31.41
C ASN A 163 -17.08 -43.38 29.99
N GLY A 164 -16.30 -42.60 29.27
CA GLY A 164 -16.62 -42.25 27.90
C GLY A 164 -17.73 -41.22 27.74
N VAL A 165 -18.16 -40.58 28.81
CA VAL A 165 -19.24 -39.61 28.78
C VAL A 165 -18.64 -38.21 28.92
N ALA A 166 -18.96 -37.33 27.96
CA ALA A 166 -18.43 -35.97 27.96
C ALA A 166 -19.37 -35.06 28.76
N GLY A 167 -18.80 -34.32 29.70
CA GLY A 167 -19.57 -33.41 30.52
C GLY A 167 -18.68 -32.54 31.39
N PHE A 168 -19.08 -32.32 32.64
CA PHE A 168 -18.25 -31.54 33.56
C PHE A 168 -17.03 -32.35 33.97
N ASN A 169 -15.86 -31.71 33.92
CA ASN A 169 -14.56 -32.33 34.22
C ASN A 169 -14.27 -33.51 33.30
N CYS A 170 -14.97 -33.61 32.17
CA CYS A 170 -14.77 -34.67 31.19
C CYS A 170 -14.96 -34.05 29.81
N TYR A 171 -13.84 -33.63 29.20
CA TYR A 171 -13.87 -32.90 27.95
C TYR A 171 -13.34 -33.77 26.81
N PHE A 172 -13.93 -33.60 25.63
CA PHE A 172 -13.39 -34.22 24.44
C PHE A 172 -12.02 -33.66 24.14
N PRO A 173 -11.02 -34.49 23.85
CA PRO A 173 -9.64 -33.98 23.74
C PRO A 173 -9.36 -33.21 22.46
N LEU A 174 -10.20 -33.34 21.44
CA LEU A 174 -9.95 -32.71 20.15
C LEU A 174 -10.85 -31.49 19.97
N ARG A 175 -10.28 -30.45 19.38
CA ARG A 175 -11.01 -29.22 19.08
C ARG A 175 -10.73 -28.81 17.64
N SER A 176 -11.71 -28.14 17.04
CA SER A 176 -11.63 -27.75 15.63
C SER A 176 -11.12 -26.33 15.48
N TYR A 177 -10.25 -26.12 14.50
CA TYR A 177 -9.79 -24.77 14.18
C TYR A 177 -10.92 -23.92 13.64
N GLY A 178 -11.76 -24.48 12.77
CA GLY A 178 -12.85 -23.74 12.16
C GLY A 178 -12.38 -22.59 11.30
N PHE A 179 -11.39 -22.84 10.45
CA PHE A 179 -10.75 -21.79 9.67
C PHE A 179 -11.78 -21.07 8.80
N ARG A 180 -11.76 -19.74 8.83
CA ARG A 180 -12.56 -18.88 7.98
C ARG A 180 -11.66 -17.92 7.24
N PRO A 181 -11.97 -17.59 5.98
CA PRO A 181 -11.06 -16.75 5.19
C PRO A 181 -10.88 -15.34 5.74
N THR A 182 -11.80 -14.85 6.56
CA THR A 182 -11.69 -13.51 7.14
C THR A 182 -10.94 -13.49 8.46
N TYR A 183 -10.45 -14.63 8.92
CA TYR A 183 -9.68 -14.68 10.17
C TYR A 183 -8.38 -13.92 10.02
N GLY A 184 -7.88 -13.39 11.15
CA GLY A 184 -6.60 -12.73 11.14
C GLY A 184 -5.48 -13.67 10.74
N VAL A 185 -4.40 -13.09 10.21
CA VAL A 185 -3.32 -13.88 9.61
C VAL A 185 -2.71 -14.82 10.64
N GLY A 186 -2.73 -14.45 11.92
CA GLY A 186 -2.23 -15.35 12.95
C GLY A 186 -3.12 -16.52 13.23
N HIS A 187 -4.39 -16.44 12.85
CA HIS A 187 -5.36 -17.51 13.03
C HIS A 187 -5.73 -18.19 11.71
N GLN A 188 -5.07 -17.82 10.62
CA GLN A 188 -5.33 -18.43 9.32
C GLN A 188 -4.56 -19.75 9.20
N PRO A 189 -5.04 -20.66 8.35
CA PRO A 189 -4.36 -21.96 8.22
C PRO A 189 -3.01 -21.82 7.53
N TYR A 190 -2.04 -22.59 8.03
CA TYR A 190 -0.71 -22.68 7.46
C TYR A 190 -0.37 -24.14 7.28
N ARG A 191 0.12 -24.49 6.09
CA ARG A 191 0.56 -25.83 5.78
C ARG A 191 2.03 -25.99 6.13
N VAL A 192 2.35 -27.08 6.83
CA VAL A 192 3.70 -27.33 7.34
C VAL A 192 4.17 -28.69 6.82
N VAL A 193 5.39 -28.71 6.29
CA VAL A 193 6.11 -29.92 5.94
C VAL A 193 7.44 -29.91 6.68
N VAL A 194 7.70 -30.97 7.43
CA VAL A 194 8.94 -31.15 8.18
C VAL A 194 9.71 -32.29 7.51
N LEU A 195 10.92 -31.98 7.04
CA LEU A 195 11.79 -32.95 6.42
C LEU A 195 12.86 -33.35 7.44
N SER A 196 12.85 -34.62 7.83
CA SER A 196 13.85 -35.17 8.74
C SER A 196 14.77 -36.09 7.95
N PHE A 197 16.08 -35.88 8.09
CA PHE A 197 17.09 -36.66 7.40
C PHE A 197 17.70 -37.65 8.38
N GLU A 198 17.55 -38.94 8.10
CA GLU A 198 18.01 -40.00 8.98
C GLU A 198 19.26 -40.65 8.38
N LEU A 199 20.36 -40.58 9.12
CA LEU A 199 21.63 -41.22 8.76
C LEU A 199 22.04 -42.05 9.97
N LEU A 200 21.62 -43.32 9.96
CA LEU A 200 21.79 -44.24 11.09
C LEU A 200 22.65 -45.42 10.64
N HIS A 201 22.66 -46.47 11.46
CA HIS A 201 23.53 -47.62 11.21
C HIS A 201 23.05 -48.40 9.99
N ALA A 202 23.16 -47.78 8.81
CA ALA A 202 22.72 -48.36 7.55
C ALA A 202 23.27 -47.53 6.39
N PRO A 203 23.46 -48.11 5.21
CA PRO A 203 23.96 -47.34 4.07
C PRO A 203 22.95 -46.30 3.61
N ALA A 204 23.47 -45.19 3.08
CA ALA A 204 22.63 -44.11 2.59
C ALA A 204 21.93 -44.50 1.30
N THR A 205 20.69 -44.04 1.14
CA THR A 205 19.89 -44.35 -0.04
C THR A 205 19.25 -43.13 -0.70
N VAL A 206 19.33 -41.95 -0.09
CA VAL A 206 18.80 -40.72 -0.67
C VAL A 206 19.97 -39.75 -0.86
N CYS A 207 20.18 -39.31 -2.10
CA CYS A 207 21.27 -38.40 -2.41
C CYS A 207 20.76 -37.33 -3.38
N GLY A 208 21.45 -36.19 -3.37
CA GLY A 208 21.13 -35.09 -4.25
C GLY A 208 22.06 -35.05 -5.45
N PRO A 209 21.52 -34.65 -6.59
CA PRO A 209 22.30 -34.56 -7.82
C PRO A 209 21.76 -33.45 -8.73
N ASP B 1 -11.18 8.40 21.84
CA ASP B 1 -11.45 7.66 20.61
C ASP B 1 -10.19 6.92 20.15
N VAL B 2 -10.32 6.19 19.04
CA VAL B 2 -9.18 5.44 18.50
C VAL B 2 -8.24 6.40 17.80
N GLN B 3 -6.96 6.33 18.15
CA GLN B 3 -5.96 7.21 17.57
C GLN B 3 -4.70 6.40 17.24
N LEU B 4 -4.19 6.60 16.03
CA LEU B 4 -2.91 6.04 15.60
C LEU B 4 -2.04 7.18 15.09
N VAL B 5 -0.82 7.28 15.62
CA VAL B 5 0.08 8.36 15.29
C VAL B 5 1.39 7.77 14.80
N GLU B 6 1.76 8.09 13.55
CA GLU B 6 2.99 7.59 12.96
C GLU B 6 4.08 8.64 13.01
N SER B 7 5.33 8.17 13.10
CA SER B 7 6.49 9.03 13.17
C SER B 7 7.71 8.23 12.74
N GLY B 8 8.86 8.90 12.66
CA GLY B 8 10.10 8.24 12.31
C GLY B 8 10.45 8.23 10.84
N GLY B 9 9.79 9.04 10.02
CA GLY B 9 10.06 9.11 8.61
C GLY B 9 11.03 10.23 8.26
N GLY B 10 10.84 10.81 7.09
CA GLY B 10 11.65 11.93 6.65
C GLY B 10 12.49 11.62 5.43
N LEU B 11 13.61 12.32 5.28
CA LEU B 11 14.48 12.21 4.13
C LEU B 11 15.63 11.25 4.42
N VAL B 12 15.90 10.37 3.46
CA VAL B 12 16.99 9.41 3.60
C VAL B 12 17.58 9.12 2.23
N LYS B 13 18.89 8.88 2.18
CA LYS B 13 19.57 8.57 0.94
C LYS B 13 19.29 7.13 0.54
N PRO B 14 19.41 6.82 -0.76
CA PRO B 14 19.24 5.43 -1.20
C PRO B 14 20.25 4.52 -0.52
N GLY B 15 19.77 3.34 -0.12
CA GLY B 15 20.57 2.43 0.67
C GLY B 15 20.54 2.69 2.16
N GLY B 16 19.87 3.76 2.60
CA GLY B 16 19.78 4.08 4.01
C GLY B 16 18.73 3.26 4.72
N SER B 17 18.47 3.64 5.98
CA SER B 17 17.52 2.93 6.81
C SER B 17 16.66 3.92 7.57
N LEU B 18 15.44 3.49 7.89
CA LEU B 18 14.52 4.25 8.74
C LEU B 18 13.83 3.27 9.68
N ARG B 19 13.30 3.80 10.76
CA ARG B 19 12.53 3.02 11.74
C ARG B 19 11.22 3.75 11.98
N LEU B 20 10.18 3.37 11.25
CA LEU B 20 8.87 3.96 11.46
C LEU B 20 8.24 3.41 12.72
N SER B 21 7.53 4.28 13.44
CA SER B 21 6.85 3.94 14.68
C SER B 21 5.41 4.41 14.60
N CYS B 22 4.50 3.62 15.15
CA CYS B 22 3.10 3.95 15.25
C CYS B 22 2.68 3.74 16.71
N VAL B 23 2.11 4.78 17.31
CA VAL B 23 1.61 4.75 18.68
C VAL B 23 0.09 4.67 18.62
N ALA B 24 -0.48 3.72 19.36
CA ALA B 24 -1.91 3.45 19.35
C ALA B 24 -2.52 3.80 20.71
N SER B 25 -3.69 4.44 20.67
CA SER B 25 -4.43 4.73 21.88
C SER B 25 -5.92 4.58 21.61
N GLY B 26 -6.68 4.32 22.67
CA GLY B 26 -8.12 4.23 22.57
C GLY B 26 -8.69 2.86 22.27
N PHE B 27 -7.86 1.83 22.21
CA PHE B 27 -8.34 0.47 21.96
C PHE B 27 -7.30 -0.51 22.46
N THR B 28 -7.69 -1.79 22.49
CA THR B 28 -6.82 -2.86 22.96
C THR B 28 -5.85 -3.20 21.83
N PHE B 29 -4.68 -2.57 21.88
CA PHE B 29 -3.68 -2.77 20.82
C PHE B 29 -3.20 -4.22 20.79
N SER B 30 -3.02 -4.85 21.95
CA SER B 30 -2.52 -6.21 22.01
C SER B 30 -3.48 -7.22 21.40
N ASN B 31 -4.74 -6.84 21.20
CA ASN B 31 -5.73 -7.70 20.57
C ASN B 31 -6.11 -7.19 19.18
N SER B 32 -5.17 -6.53 18.49
CA SER B 32 -5.44 -5.92 17.19
C SER B 32 -4.37 -6.32 16.20
N GLU B 33 -4.79 -6.91 15.08
CA GLU B 33 -3.88 -7.16 13.97
C GLU B 33 -3.57 -5.86 13.24
N MET B 34 -2.30 -5.64 12.92
CA MET B 34 -1.88 -4.35 12.38
C MET B 34 -1.23 -4.52 11.02
N HIS B 35 -1.41 -3.51 10.18
CA HIS B 35 -0.86 -3.47 8.83
C HIS B 35 -0.14 -2.16 8.59
N TRP B 36 0.87 -2.21 7.73
CA TRP B 36 1.46 -1.04 7.11
C TRP B 36 1.03 -1.01 5.65
N VAL B 37 0.48 0.14 5.23
CA VAL B 37 0.06 0.41 3.86
C VAL B 37 0.79 1.66 3.42
N ARG B 38 1.05 1.79 2.12
CA ARG B 38 1.80 2.94 1.64
C ARG B 38 1.16 3.50 0.36
N GLN B 39 1.43 4.78 0.12
CA GLN B 39 0.86 5.50 -1.02
C GLN B 39 1.94 6.42 -1.59
N ALA B 40 2.44 6.07 -2.77
CA ALA B 40 3.39 6.94 -3.44
C ALA B 40 2.69 8.19 -3.96
N PRO B 41 3.42 9.31 -4.09
CA PRO B 41 2.77 10.57 -4.51
C PRO B 41 2.08 10.43 -5.85
N GLY B 42 0.81 10.83 -5.90
CA GLY B 42 0.02 10.72 -7.10
C GLY B 42 -0.43 9.32 -7.46
N LYS B 43 -0.27 8.36 -6.54
CA LYS B 43 -0.57 6.97 -6.81
C LYS B 43 -1.64 6.47 -5.82
N GLY B 44 -2.04 5.21 -6.01
CA GLY B 44 -3.02 4.58 -5.14
C GLY B 44 -2.37 3.94 -3.92
N LEU B 45 -3.19 3.16 -3.21
CA LEU B 45 -2.74 2.50 -1.99
C LEU B 45 -2.08 1.17 -2.32
N GLU B 46 -1.03 0.84 -1.57
CA GLU B 46 -0.30 -0.40 -1.75
C GLU B 46 0.00 -1.01 -0.39
N TRP B 47 -0.38 -2.28 -0.22
CA TRP B 47 -0.13 -2.97 1.04
C TRP B 47 1.35 -3.26 1.20
N VAL B 48 1.85 -3.07 2.42
CA VAL B 48 3.26 -3.29 2.74
C VAL B 48 3.44 -4.53 3.61
N SER B 49 2.79 -4.57 4.77
CA SER B 49 3.09 -5.66 5.69
C SER B 49 1.96 -5.84 6.69
N VAL B 50 1.92 -7.03 7.31
CA VAL B 50 0.95 -7.34 8.35
C VAL B 50 1.65 -8.09 9.49
N ILE B 51 1.23 -7.79 10.72
CA ILE B 51 1.63 -8.53 11.91
C ILE B 51 0.39 -8.87 12.72
N SER B 52 0.36 -10.10 13.23
CA SER B 52 -0.75 -10.59 14.02
C SER B 52 -0.75 -9.93 15.41
N GLU B 53 -1.80 -10.20 16.17
CA GLU B 53 -1.96 -9.58 17.49
C GLU B 53 -0.81 -9.92 18.41
N SER B 54 -0.37 -11.18 18.42
CA SER B 54 0.69 -11.62 19.30
C SER B 54 2.08 -11.36 18.73
N GLY B 55 2.19 -10.97 17.46
CA GLY B 55 3.47 -10.77 16.82
C GLY B 55 4.11 -12.04 16.28
N GLU B 56 3.47 -13.19 16.44
CA GLU B 56 4.06 -14.46 16.02
C GLU B 56 3.94 -14.71 14.52
N THR B 57 3.02 -14.03 13.84
CA THR B 57 2.79 -14.24 12.41
C THR B 57 2.90 -12.91 11.68
N THR B 58 3.71 -12.89 10.62
CA THR B 58 3.92 -11.70 9.81
C THR B 58 3.86 -12.09 8.34
N HIS B 59 3.49 -11.11 7.51
CA HIS B 59 3.54 -11.29 6.06
C HIS B 59 3.97 -9.98 5.41
N TYR B 60 4.66 -10.11 4.27
CA TYR B 60 5.26 -8.98 3.59
C TYR B 60 4.89 -8.99 2.11
N ALA B 61 4.80 -7.80 1.54
CA ALA B 61 4.72 -7.67 0.09
C ALA B 61 6.06 -8.07 -0.54
N ASP B 62 5.99 -8.56 -1.79
CA ASP B 62 7.18 -9.07 -2.46
C ASP B 62 8.24 -7.99 -2.61
N SER B 63 7.84 -6.76 -2.93
CA SER B 63 8.79 -5.69 -3.21
C SER B 63 9.57 -5.25 -1.98
N VAL B 64 9.16 -5.64 -0.78
CA VAL B 64 9.86 -5.25 0.44
C VAL B 64 10.38 -6.43 1.24
N LYS B 65 10.06 -7.66 0.86
CA LYS B 65 10.52 -8.82 1.63
C LYS B 65 12.05 -8.90 1.60
N GLY B 66 12.64 -9.18 2.76
CA GLY B 66 14.07 -9.21 2.91
C GLY B 66 14.70 -7.88 3.27
N ARG B 67 13.98 -6.79 3.13
CA ARG B 67 14.47 -5.46 3.49
C ARG B 67 13.69 -4.82 4.63
N PHE B 68 12.38 -5.02 4.68
CA PHE B 68 11.55 -4.47 5.74
C PHE B 68 11.24 -5.52 6.78
N THR B 69 11.14 -5.09 8.03
CA THR B 69 10.77 -5.97 9.14
C THR B 69 9.73 -5.27 10.00
N ILE B 70 8.57 -5.90 10.17
CA ILE B 70 7.51 -5.36 11.00
C ILE B 70 7.59 -6.03 12.37
N SER B 71 7.30 -5.25 13.41
CA SER B 71 7.33 -5.78 14.77
C SER B 71 6.39 -4.96 15.64
N ARG B 72 6.20 -5.41 16.87
CA ARG B 72 5.31 -4.71 17.78
C ARG B 72 5.79 -4.88 19.22
N ASP B 73 5.45 -3.88 20.04
CA ASP B 73 5.67 -3.89 21.48
C ASP B 73 4.29 -3.67 22.10
N ASN B 74 3.65 -4.77 22.52
CA ASN B 74 2.28 -4.69 23.01
C ASN B 74 2.18 -3.95 24.33
N ALA B 75 3.19 -4.08 25.19
CA ALA B 75 3.17 -3.39 26.48
C ALA B 75 3.22 -1.88 26.32
N ASN B 76 3.74 -1.38 25.20
CA ASN B 76 3.85 0.05 24.96
C ASN B 76 2.95 0.53 23.82
N ASN B 77 2.03 -0.32 23.35
CA ASN B 77 1.12 0.04 22.26
C ASN B 77 1.89 0.55 21.04
N LEU B 78 2.97 -0.14 20.69
CA LEU B 78 3.90 0.31 19.68
C LEU B 78 3.89 -0.64 18.49
N LEU B 79 3.81 -0.09 17.29
CA LEU B 79 4.02 -0.84 16.05
C LEU B 79 5.25 -0.27 15.35
N LEU B 80 6.09 -1.13 14.80
CA LEU B 80 7.37 -0.70 14.24
C LEU B 80 7.56 -1.29 12.85
N LEU B 81 8.17 -0.51 11.98
CA LEU B 81 8.59 -0.96 10.66
C LEU B 81 10.03 -0.52 10.42
N GLN B 82 10.95 -1.48 10.45
CA GLN B 82 12.35 -1.22 10.15
C GLN B 82 12.55 -1.38 8.65
N MET B 83 12.97 -0.30 7.98
CA MET B 83 13.16 -0.28 6.54
C MET B 83 14.65 -0.12 6.26
N ASN B 84 15.26 -1.16 5.68
CA ASN B 84 16.66 -1.15 5.31
C ASN B 84 16.78 -1.27 3.80
N SER B 85 17.95 -0.88 3.29
CA SER B 85 18.24 -0.92 1.86
C SER B 85 17.17 -0.20 1.05
N LEU B 86 16.84 1.01 1.50
CA LEU B 86 15.77 1.79 0.88
C LEU B 86 16.15 2.22 -0.53
N ARG B 87 15.16 2.22 -1.41
CA ARG B 87 15.31 2.67 -2.79
C ARG B 87 14.36 3.84 -3.04
N ALA B 88 14.57 4.52 -4.17
CA ALA B 88 13.70 5.62 -4.54
C ALA B 88 12.25 5.17 -4.70
N ASP B 89 12.05 3.89 -5.05
CA ASP B 89 10.70 3.35 -5.20
C ASP B 89 9.95 3.22 -3.88
N ASP B 90 10.62 3.40 -2.74
CA ASP B 90 9.97 3.33 -1.44
C ASP B 90 9.43 4.69 -0.98
N THR B 91 9.62 5.74 -1.78
CA THR B 91 9.11 7.06 -1.42
C THR B 91 7.59 7.05 -1.40
N ALA B 92 7.01 7.37 -0.23
CA ALA B 92 5.56 7.26 -0.08
C ALA B 92 5.15 7.82 1.27
N VAL B 93 3.85 8.02 1.42
CA VAL B 93 3.23 8.21 2.73
C VAL B 93 2.90 6.83 3.29
N TYR B 94 3.36 6.56 4.50
CA TYR B 94 3.17 5.27 5.14
C TYR B 94 2.10 5.41 6.22
N TYR B 95 1.03 4.64 6.10
CA TYR B 95 -0.06 4.59 7.06
C TYR B 95 0.04 3.30 7.86
N CYS B 96 -0.21 3.42 9.16
CA CYS B 96 -0.39 2.29 10.06
C CYS B 96 -1.89 2.12 10.29
N THR B 97 -2.38 0.89 10.18
CA THR B 97 -3.82 0.67 10.17
C THR B 97 -4.15 -0.64 10.87
N ARG B 98 -5.40 -0.77 11.31
CA ARG B 98 -5.84 -1.92 12.08
C ARG B 98 -6.86 -2.74 11.30
N TYR B 99 -6.69 -4.07 11.29
CA TYR B 99 -7.67 -4.98 10.71
C TYR B 99 -8.55 -5.48 11.86
N ASN B 100 -9.76 -4.95 11.95
CA ASN B 100 -10.60 -5.10 13.14
C ASN B 100 -11.51 -6.32 13.06
N TRP B 101 -10.93 -7.48 12.79
CA TRP B 101 -11.76 -8.69 12.66
C TRP B 101 -12.26 -9.19 14.01
N ASN B 102 -11.52 -8.91 15.09
CA ASN B 102 -11.96 -9.33 16.42
C ASN B 102 -13.27 -8.65 16.82
N ASN B 103 -13.59 -7.50 16.24
CA ASN B 103 -14.86 -6.82 16.46
C ASN B 103 -15.80 -6.96 15.28
N ARG B 104 -15.56 -7.96 14.42
CA ARG B 104 -16.41 -8.26 13.27
C ARG B 104 -16.44 -7.12 12.25
N VAL B 105 -15.35 -6.35 12.17
CA VAL B 105 -15.17 -5.37 11.11
C VAL B 105 -14.03 -5.85 10.23
N TYR B 106 -14.37 -6.60 9.17
CA TYR B 106 -13.37 -7.31 8.37
C TYR B 106 -12.78 -6.40 7.28
N ALA B 107 -12.10 -5.36 7.74
CA ALA B 107 -11.44 -4.39 6.87
C ALA B 107 -10.52 -3.53 7.74
N LEU B 108 -9.87 -2.56 7.09
CA LEU B 108 -8.95 -1.65 7.77
C LEU B 108 -9.74 -0.42 8.21
N ASP B 109 -10.26 -0.46 9.43
CA ASP B 109 -11.21 0.55 9.88
C ASP B 109 -10.54 1.75 10.55
N SER B 110 -9.39 1.55 11.18
CA SER B 110 -8.67 2.64 11.83
C SER B 110 -7.35 2.86 11.11
N TRP B 111 -7.13 4.10 10.67
CA TRP B 111 -5.92 4.51 9.98
C TRP B 111 -5.26 5.66 10.74
N GLY B 112 -3.94 5.71 10.67
CA GLY B 112 -3.21 6.87 11.15
C GLY B 112 -3.25 8.00 10.14
N GLN B 113 -2.62 9.11 10.50
CA GLN B 113 -2.52 10.23 9.58
C GLN B 113 -1.41 10.03 8.55
N GLY B 114 -0.53 9.07 8.74
CA GLY B 114 0.53 8.78 7.79
C GLY B 114 1.79 9.58 8.07
N VAL B 115 2.92 9.02 7.68
CA VAL B 115 4.22 9.67 7.83
C VAL B 115 4.91 9.65 6.47
N VAL B 116 5.47 10.79 6.08
CA VAL B 116 6.13 10.92 4.78
C VAL B 116 7.51 10.29 4.83
N VAL B 117 7.84 9.48 3.82
CA VAL B 117 9.17 8.91 3.67
C VAL B 117 9.66 9.27 2.27
N THR B 118 10.79 9.97 2.19
CA THR B 118 11.37 10.39 0.92
C THR B 118 12.78 9.81 0.82
N VAL B 119 12.99 8.95 -0.18
CA VAL B 119 14.29 8.33 -0.44
C VAL B 119 14.86 9.00 -1.67
N SER B 120 15.93 9.76 -1.47
CA SER B 120 16.54 10.51 -2.58
C SER B 120 17.97 10.84 -2.22
N SER B 121 18.79 11.04 -3.25
CA SER B 121 20.17 11.49 -3.08
C SER B 121 20.29 13.00 -3.12
N ALA B 122 19.21 13.72 -3.40
CA ALA B 122 19.24 15.17 -3.41
C ALA B 122 19.38 15.73 -1.99
N SER B 123 19.87 16.96 -1.92
CA SER B 123 20.13 17.61 -0.64
C SER B 123 19.09 18.70 -0.40
N THR B 124 18.81 18.95 0.89
CA THR B 124 17.88 20.01 1.27
C THR B 124 18.35 21.35 0.70
N LYS B 125 17.41 22.06 0.06
CA LYS B 125 17.75 23.29 -0.63
C LYS B 125 16.53 24.20 -0.67
N GLY B 126 16.72 25.47 -0.32
CA GLY B 126 15.67 26.45 -0.39
C GLY B 126 15.35 26.82 -1.82
N PRO B 127 14.14 27.32 -2.06
CA PRO B 127 13.72 27.60 -3.43
C PRO B 127 14.21 28.97 -3.91
N SER B 128 14.24 29.10 -5.23
CA SER B 128 14.42 30.40 -5.88
C SER B 128 13.06 30.86 -6.42
N VAL B 129 12.70 32.09 -6.08
CA VAL B 129 11.38 32.63 -6.43
C VAL B 129 11.57 33.66 -7.53
N PHE B 130 10.98 33.39 -8.69
CA PHE B 130 11.05 34.29 -9.82
C PHE B 130 9.67 34.83 -10.17
N PRO B 131 9.57 36.05 -10.68
CA PRO B 131 8.25 36.60 -11.00
C PRO B 131 7.78 36.17 -12.39
N LEU B 132 6.47 35.93 -12.49
CA LEU B 132 5.77 35.77 -13.76
C LEU B 132 4.96 37.05 -13.92
N ALA B 133 5.53 38.02 -14.63
CA ALA B 133 5.00 39.37 -14.74
C ALA B 133 3.78 39.40 -15.68
N PRO B 134 2.82 40.27 -15.40
CA PRO B 134 1.66 40.40 -16.28
C PRO B 134 1.97 41.25 -17.50
N SER B 135 1.16 41.07 -18.54
CA SER B 135 1.30 41.84 -19.76
C SER B 135 -0.06 42.40 -20.20
N GLY B 141 -6.96 41.08 -21.87
CA GLY B 141 -8.12 41.94 -22.00
C GLY B 141 -9.02 41.94 -20.79
N GLY B 142 -9.07 43.06 -20.08
CA GLY B 142 -9.87 43.16 -18.86
C GLY B 142 -9.30 42.48 -17.65
N THR B 143 -8.85 41.23 -17.80
CA THR B 143 -8.26 40.46 -16.71
C THR B 143 -6.81 40.13 -17.07
N ALA B 144 -5.90 40.40 -16.13
CA ALA B 144 -4.50 40.06 -16.28
C ALA B 144 -4.15 38.91 -15.34
N ALA B 145 -3.08 38.19 -15.70
CA ALA B 145 -2.59 37.09 -14.89
C ALA B 145 -1.15 37.36 -14.50
N LEU B 146 -0.82 37.05 -13.25
CA LEU B 146 0.55 37.18 -12.76
C LEU B 146 0.83 36.02 -11.82
N GLY B 147 2.08 35.87 -11.41
CA GLY B 147 2.38 34.77 -10.52
C GLY B 147 3.83 34.74 -10.07
N CYS B 148 4.16 33.65 -9.38
CA CYS B 148 5.49 33.37 -8.89
C CYS B 148 5.86 31.94 -9.27
N LEU B 149 7.12 31.76 -9.69
CA LEU B 149 7.68 30.46 -10.00
C LEU B 149 8.66 30.09 -8.90
N VAL B 150 8.36 29.02 -8.17
CA VAL B 150 9.14 28.57 -7.03
C VAL B 150 9.93 27.35 -7.49
N LYS B 151 11.20 27.54 -7.83
CA LYS B 151 11.97 26.54 -8.53
C LYS B 151 13.11 25.99 -7.67
N ASP B 152 13.45 24.72 -7.89
CA ASP B 152 14.67 24.11 -7.38
C ASP B 152 14.73 24.15 -5.86
N TYR B 153 13.76 23.47 -5.24
CA TYR B 153 13.74 23.29 -3.80
C TYR B 153 13.58 21.81 -3.48
N PHE B 154 14.04 21.42 -2.30
CA PHE B 154 13.97 20.04 -1.85
C PHE B 154 14.13 20.02 -0.35
N PRO B 155 13.37 19.19 0.38
CA PRO B 155 12.27 18.40 -0.17
C PRO B 155 10.93 19.12 -0.06
N GLU B 156 9.83 18.40 -0.27
CA GLU B 156 8.52 18.97 -0.07
C GLU B 156 8.25 19.19 1.41
N PRO B 157 7.34 20.11 1.77
CA PRO B 157 6.59 21.00 0.88
C PRO B 157 7.00 22.46 0.97
N VAL B 158 6.41 23.28 0.09
CA VAL B 158 6.42 24.73 0.23
C VAL B 158 4.97 25.19 0.36
N THR B 159 4.79 26.28 1.07
CA THR B 159 3.49 26.94 1.19
C THR B 159 3.58 28.31 0.55
N VAL B 160 2.56 28.68 -0.21
CA VAL B 160 2.51 29.95 -0.92
C VAL B 160 1.26 30.71 -0.48
N SER B 161 1.44 31.99 -0.16
CA SER B 161 0.34 32.90 0.06
C SER B 161 0.57 34.15 -0.77
N TRP B 162 -0.45 34.98 -0.89
CA TRP B 162 -0.34 36.23 -1.63
C TRP B 162 -0.76 37.38 -0.72
N ASN B 163 0.09 38.41 -0.65
CA ASN B 163 -0.16 39.58 0.19
C ASN B 163 -0.44 39.17 1.63
N SER B 164 0.37 38.24 2.13
CA SER B 164 0.30 37.75 3.52
C SER B 164 -1.08 37.14 3.82
N GLY B 165 -1.66 36.49 2.83
CA GLY B 165 -2.95 35.83 2.99
C GLY B 165 -4.16 36.71 2.77
N ALA B 166 -3.96 38.00 2.47
CA ALA B 166 -5.10 38.88 2.23
C ALA B 166 -5.73 38.62 0.88
N LEU B 167 -4.95 38.17 -0.10
CA LEU B 167 -5.43 37.92 -1.45
C LEU B 167 -5.56 36.40 -1.65
N THR B 168 -6.80 35.94 -1.82
CA THR B 168 -7.07 34.53 -2.13
C THR B 168 -7.98 34.33 -3.32
N SER B 169 -8.84 35.29 -3.66
CA SER B 169 -9.74 35.13 -4.79
C SER B 169 -8.96 35.09 -6.09
N GLY B 170 -9.19 34.05 -6.89
CA GLY B 170 -8.48 33.88 -8.14
C GLY B 170 -7.09 33.32 -8.01
N VAL B 171 -6.69 32.85 -6.84
CA VAL B 171 -5.36 32.32 -6.62
C VAL B 171 -5.38 30.82 -6.87
N HIS B 172 -4.45 30.35 -7.70
CA HIS B 172 -4.25 28.92 -7.94
C HIS B 172 -2.79 28.60 -7.66
N THR B 173 -2.55 27.79 -6.62
CA THR B 173 -1.22 27.29 -6.32
C THR B 173 -1.17 25.82 -6.75
N PHE B 174 -0.34 25.53 -7.74
CA PHE B 174 -0.36 24.23 -8.38
C PHE B 174 0.45 23.21 -7.59
N PRO B 175 0.11 21.92 -7.72
CA PRO B 175 0.96 20.86 -7.16
C PRO B 175 2.36 20.92 -7.76
N ALA B 176 3.36 20.66 -6.92
CA ALA B 176 4.73 20.67 -7.39
C ALA B 176 5.00 19.48 -8.31
N VAL B 177 5.97 19.65 -9.20
CA VAL B 177 6.42 18.59 -10.08
C VAL B 177 7.89 18.30 -9.77
N LEU B 178 8.22 17.00 -9.76
CA LEU B 178 9.59 16.59 -9.50
C LEU B 178 10.39 16.63 -10.80
N GLN B 179 11.40 17.50 -10.85
CA GLN B 179 12.19 17.66 -12.06
C GLN B 179 13.21 16.53 -12.18
N SER B 180 13.76 16.39 -13.39
CA SER B 180 14.76 15.36 -13.66
C SER B 180 16.00 15.53 -12.80
N SER B 181 16.26 16.74 -12.30
CA SER B 181 17.39 16.98 -11.41
C SER B 181 17.16 16.47 -9.99
N GLY B 182 15.94 16.01 -9.68
CA GLY B 182 15.61 15.60 -8.34
C GLY B 182 15.08 16.69 -7.44
N LEU B 183 14.99 17.93 -7.95
CA LEU B 183 14.46 19.06 -7.20
C LEU B 183 13.05 19.38 -7.68
N TYR B 184 12.26 19.97 -6.79
CA TYR B 184 10.86 20.26 -7.08
C TYR B 184 10.70 21.66 -7.65
N SER B 185 9.66 21.83 -8.45
CA SER B 185 9.29 23.12 -8.99
C SER B 185 7.78 23.29 -8.88
N LEU B 186 7.36 24.53 -8.63
CA LEU B 186 5.97 24.85 -8.37
C LEU B 186 5.68 26.22 -8.97
N SER B 187 4.40 26.46 -9.27
CA SER B 187 3.96 27.77 -9.71
C SER B 187 2.71 28.17 -8.94
N SER B 188 2.59 29.47 -8.68
CA SER B 188 1.39 30.03 -8.04
C SER B 188 0.97 31.25 -8.84
N VAL B 189 -0.27 31.27 -9.29
CA VAL B 189 -0.75 32.35 -10.16
C VAL B 189 -2.00 32.97 -9.56
N VAL B 190 -2.30 34.18 -10.02
CA VAL B 190 -3.51 34.89 -9.63
C VAL B 190 -3.94 35.77 -10.79
N THR B 191 -5.25 35.84 -11.00
CA THR B 191 -5.86 36.71 -12.00
C THR B 191 -6.44 37.93 -11.29
N VAL B 192 -6.15 39.11 -11.82
CA VAL B 192 -6.56 40.38 -11.22
C VAL B 192 -7.12 41.28 -12.29
N PRO B 193 -7.88 42.30 -11.91
CA PRO B 193 -8.26 43.34 -12.88
C PRO B 193 -7.02 44.03 -13.42
N SER B 194 -7.05 44.31 -14.73
CA SER B 194 -5.91 44.96 -15.38
C SER B 194 -5.69 46.36 -14.82
N SER B 195 -6.77 47.08 -14.53
CA SER B 195 -6.68 48.45 -14.03
C SER B 195 -5.91 48.53 -12.72
N SER B 196 -5.87 47.44 -11.95
CA SER B 196 -5.15 47.43 -10.67
C SER B 196 -3.66 47.19 -10.84
N LEU B 197 -3.18 46.93 -12.05
CA LEU B 197 -1.77 46.60 -12.24
C LEU B 197 -0.84 47.74 -11.89
N GLY B 198 -1.34 48.98 -11.84
CA GLY B 198 -0.50 50.12 -11.55
C GLY B 198 -0.65 50.66 -10.14
N THR B 199 -1.77 50.36 -9.49
CA THR B 199 -2.07 50.89 -8.16
C THR B 199 -1.94 49.88 -7.05
N GLN B 200 -2.25 48.61 -7.30
CA GLN B 200 -2.23 47.58 -6.27
C GLN B 200 -0.93 46.80 -6.32
N THR B 201 -0.36 46.55 -5.14
CA THR B 201 0.87 45.77 -5.03
C THR B 201 0.54 44.29 -4.88
N TYR B 202 1.38 43.44 -5.48
CA TYR B 202 1.17 42.00 -5.47
C TYR B 202 2.47 41.33 -5.05
N ILE B 203 2.48 40.73 -3.86
CA ILE B 203 3.64 40.06 -3.30
C ILE B 203 3.27 38.63 -2.98
N CYS B 204 4.10 37.69 -3.42
CA CYS B 204 3.93 36.29 -3.07
C CYS B 204 4.90 35.92 -1.95
N ASN B 205 4.38 35.21 -0.95
CA ASN B 205 5.14 34.78 0.21
C ASN B 205 5.30 33.27 0.13
N VAL B 206 6.55 32.81 0.14
CA VAL B 206 6.89 31.40 -0.04
C VAL B 206 7.61 30.93 1.21
N ASN B 207 7.10 29.88 1.84
CA ASN B 207 7.69 29.30 3.03
C ASN B 207 8.13 27.88 2.73
N HIS B 208 9.40 27.59 3.00
CA HIS B 208 9.98 26.25 2.87
C HIS B 208 10.59 25.91 4.22
N LYS B 209 9.80 25.23 5.05
CA LYS B 209 10.26 24.86 6.39
C LYS B 209 11.52 23.98 6.41
N PRO B 210 11.66 22.95 5.57
CA PRO B 210 12.86 22.10 5.68
C PRO B 210 14.17 22.86 5.55
N SER B 211 14.21 23.93 4.77
CA SER B 211 15.40 24.76 4.66
C SER B 211 15.30 26.02 5.51
N ASN B 212 14.25 26.16 6.32
CA ASN B 212 14.04 27.33 7.17
C ASN B 212 14.04 28.61 6.34
N THR B 213 13.43 28.57 5.16
CA THR B 213 13.46 29.68 4.22
C THR B 213 12.10 30.34 4.13
N LYS B 214 12.11 31.67 4.09
CA LYS B 214 10.89 32.46 3.87
C LYS B 214 11.23 33.61 2.95
N VAL B 215 10.61 33.64 1.77
CA VAL B 215 10.89 34.62 0.74
C VAL B 215 9.62 35.42 0.45
N ASP B 216 9.79 36.71 0.21
CA ASP B 216 8.72 37.57 -0.26
C ASP B 216 9.16 38.20 -1.57
N LYS B 217 8.38 38.01 -2.63
CA LYS B 217 8.73 38.50 -3.94
C LYS B 217 7.60 39.37 -4.48
N LYS B 218 7.93 40.61 -4.82
CA LYS B 218 6.98 41.51 -5.46
C LYS B 218 6.98 41.28 -6.95
N VAL B 219 5.78 41.25 -7.54
CA VAL B 219 5.60 41.01 -8.97
C VAL B 219 5.06 42.29 -9.60
N GLU B 220 5.77 42.82 -10.58
CA GLU B 220 5.40 44.04 -11.28
C GLU B 220 5.53 43.82 -12.77
N PRO B 221 4.77 44.58 -13.59
CA PRO B 221 4.91 44.45 -15.04
C PRO B 221 6.29 44.84 -15.52
N LYS B 222 6.74 44.17 -16.57
CA LYS B 222 8.06 44.41 -17.13
C LYS B 222 8.02 45.52 -18.18
N GLU C 1 -2.03 -13.65 -6.76
CA GLU C 1 -2.39 -12.28 -6.42
C GLU C 1 -3.69 -11.87 -7.11
N ILE C 2 -4.68 -11.44 -6.32
CA ILE C 2 -5.94 -10.96 -6.88
C ILE C 2 -5.74 -9.53 -7.36
N VAL C 3 -5.93 -9.32 -8.65
CA VAL C 3 -5.84 -7.99 -9.25
C VAL C 3 -7.23 -7.38 -9.28
N LEU C 4 -7.35 -6.17 -8.73
CA LEU C 4 -8.64 -5.48 -8.66
C LEU C 4 -8.65 -4.36 -9.69
N THR C 5 -9.68 -4.38 -10.55
CA THR C 5 -9.89 -3.39 -11.59
C THR C 5 -11.10 -2.55 -11.21
N GLN C 6 -10.99 -1.23 -11.35
CA GLN C 6 -12.06 -0.33 -10.97
C GLN C 6 -12.57 0.42 -12.19
N SER C 7 -13.89 0.48 -12.34
CA SER C 7 -14.51 1.13 -13.48
C SER C 7 -15.63 2.06 -13.04
N PRO C 8 -15.74 3.24 -13.65
CA PRO C 8 -14.71 3.74 -14.56
C PRO C 8 -13.58 4.42 -13.80
N ALA C 9 -12.52 4.85 -14.49
CA ALA C 9 -11.43 5.55 -13.82
C ALA C 9 -11.90 6.88 -13.24
N THR C 10 -12.72 7.63 -13.99
CA THR C 10 -13.23 8.91 -13.55
C THR C 10 -14.74 8.98 -13.82
N LEU C 11 -15.47 9.54 -12.86
CA LEU C 11 -16.92 9.69 -12.95
C LEU C 11 -17.28 11.14 -12.70
N SER C 12 -17.94 11.77 -13.67
CA SER C 12 -18.40 13.14 -13.56
C SER C 12 -19.92 13.13 -13.35
N LEU C 13 -20.36 13.60 -12.18
CA LEU C 13 -21.77 13.58 -11.81
C LEU C 13 -22.12 14.89 -11.12
N SER C 14 -23.42 15.22 -11.17
CA SER C 14 -23.90 16.38 -10.45
C SER C 14 -24.36 15.99 -9.06
N PRO C 15 -24.33 16.90 -8.10
CA PRO C 15 -24.87 16.59 -6.77
C PRO C 15 -26.34 16.25 -6.85
N GLY C 16 -26.75 15.27 -6.03
CA GLY C 16 -28.09 14.73 -6.07
C GLY C 16 -28.25 13.51 -6.96
N GLU C 17 -27.35 13.32 -7.92
CA GLU C 17 -27.38 12.12 -8.74
C GLU C 17 -26.86 10.92 -7.96
N GLY C 18 -27.26 9.73 -8.41
CA GLY C 18 -26.73 8.50 -7.86
C GLY C 18 -25.46 8.08 -8.57
N ALA C 19 -24.59 7.39 -7.85
CA ALA C 19 -23.31 6.94 -8.37
C ALA C 19 -23.17 5.44 -8.19
N SER C 20 -22.62 4.78 -9.20
CA SER C 20 -22.34 3.34 -9.16
C SER C 20 -20.90 3.12 -9.59
N LEU C 21 -20.12 2.47 -8.73
CA LEU C 21 -18.70 2.24 -8.95
C LEU C 21 -18.44 0.74 -8.94
N SER C 22 -17.67 0.26 -9.92
CA SER C 22 -17.48 -1.18 -10.12
C SER C 22 -16.08 -1.61 -9.74
N CYS C 23 -16.00 -2.73 -9.03
CA CYS C 23 -14.73 -3.39 -8.73
C CYS C 23 -14.82 -4.83 -9.23
N ARG C 24 -13.88 -5.22 -10.07
CA ARG C 24 -13.81 -6.55 -10.66
C ARG C 24 -12.52 -7.22 -10.20
N ALA C 25 -12.62 -8.48 -9.76
CA ALA C 25 -11.47 -9.22 -9.26
C ALA C 25 -11.03 -10.24 -10.29
N SER C 26 -9.70 -10.38 -10.46
CA SER C 26 -9.16 -11.34 -11.40
C SER C 26 -9.44 -12.79 -11.00
N GLN C 27 -9.80 -13.02 -9.74
CA GLN C 27 -10.20 -14.35 -9.29
C GLN C 27 -11.09 -14.17 -8.06
N THR C 28 -11.72 -15.27 -7.65
CA THR C 28 -12.73 -15.22 -6.60
C THR C 28 -12.15 -14.62 -5.32
N VAL C 29 -12.90 -13.69 -4.73
CA VAL C 29 -12.53 -13.09 -3.45
C VAL C 29 -13.10 -13.98 -2.35
N ILE C 30 -12.22 -14.71 -1.66
CA ILE C 30 -12.69 -15.65 -0.65
C ILE C 30 -12.97 -14.95 0.68
N GLY C 31 -12.30 -13.83 0.95
CA GLY C 31 -12.40 -13.21 2.26
C GLY C 31 -13.41 -12.10 2.34
N SER C 32 -12.93 -10.86 2.40
CA SER C 32 -13.79 -9.69 2.56
C SER C 32 -13.45 -8.66 1.48
N LEU C 33 -14.48 -8.10 0.87
CA LEU C 33 -14.34 -6.99 -0.06
C LEU C 33 -14.73 -5.71 0.65
N ALA C 34 -13.86 -4.71 0.61
CA ALA C 34 -14.05 -3.47 1.33
C ALA C 34 -13.91 -2.29 0.37
N TRP C 35 -14.60 -1.21 0.72
CA TRP C 35 -14.57 0.05 0.00
C TRP C 35 -14.13 1.16 0.95
N TYR C 36 -13.20 1.99 0.49
CA TYR C 36 -12.66 3.12 1.23
C TYR C 36 -12.81 4.39 0.41
N GLN C 37 -12.95 5.51 1.11
CA GLN C 37 -12.96 6.84 0.51
C GLN C 37 -11.71 7.60 0.94
N GLN C 38 -11.12 8.35 0.01
CA GLN C 38 -9.99 9.21 0.33
C GLN C 38 -10.15 10.54 -0.38
N LYS C 39 -9.88 11.63 0.36
CA LYS C 39 -9.79 13.03 0.01
C LYS C 39 -8.34 13.48 -0.06
N PRO C 40 -8.04 14.50 -0.87
CA PRO C 40 -6.65 14.96 -0.98
C PRO C 40 -6.10 15.39 0.37
N GLY C 41 -4.90 14.89 0.69
CA GLY C 41 -4.24 15.22 1.93
C GLY C 41 -4.74 14.50 3.17
N GLN C 42 -5.60 13.50 3.01
CA GLN C 42 -6.18 12.79 4.14
C GLN C 42 -5.95 11.29 4.01
N ALA C 43 -6.08 10.61 5.15
CA ALA C 43 -6.00 9.16 5.16
C ALA C 43 -7.28 8.54 4.61
N PRO C 44 -7.22 7.30 4.13
CA PRO C 44 -8.44 6.63 3.68
C PRO C 44 -9.40 6.40 4.83
N ARG C 45 -10.69 6.34 4.48
CA ARG C 45 -11.76 6.11 5.46
C ARG C 45 -12.58 4.92 5.01
N LEU C 46 -12.76 3.96 5.90
CA LEU C 46 -13.50 2.75 5.57
C LEU C 46 -14.98 3.07 5.37
N LEU C 47 -15.52 2.66 4.23
CA LEU C 47 -16.94 2.80 3.94
C LEU C 47 -17.70 1.50 4.09
N ILE C 48 -17.24 0.44 3.42
CA ILE C 48 -17.97 -0.82 3.36
C ILE C 48 -17.01 -1.97 3.61
N TYR C 49 -17.45 -2.96 4.37
CA TYR C 49 -16.72 -4.22 4.52
C TYR C 49 -17.66 -5.39 4.29
N GLY C 50 -17.08 -6.56 4.03
CA GLY C 50 -17.90 -7.71 3.70
C GLY C 50 -18.69 -7.54 2.42
N ALA C 51 -18.33 -6.53 1.63
CA ALA C 51 -18.92 -6.19 0.33
C ALA C 51 -20.32 -5.59 0.46
N SER C 52 -20.93 -5.70 1.64
CA SER C 52 -22.26 -5.13 1.85
C SER C 52 -22.47 -4.47 3.20
N SER C 53 -21.60 -4.70 4.18
CA SER C 53 -21.79 -4.18 5.52
C SER C 53 -21.25 -2.76 5.61
N ARG C 54 -22.05 -1.85 6.15
CA ARG C 54 -21.69 -0.45 6.26
C ARG C 54 -20.91 -0.22 7.56
N ALA C 55 -19.82 0.52 7.47
CA ALA C 55 -19.00 0.80 8.65
C ALA C 55 -19.74 1.77 9.57
N THR C 56 -19.37 1.71 10.85
CA THR C 56 -20.00 2.55 11.86
C THR C 56 -19.79 4.03 11.55
N GLY C 57 -20.89 4.80 11.59
CA GLY C 57 -20.85 6.22 11.33
C GLY C 57 -20.94 6.61 9.87
N ILE C 58 -20.90 5.64 8.96
CA ILE C 58 -20.98 5.95 7.52
C ILE C 58 -22.43 6.19 7.15
N PRO C 59 -22.74 7.25 6.39
CA PRO C 59 -24.14 7.52 6.03
C PRO C 59 -24.75 6.39 5.22
N ASP C 60 -26.06 6.22 5.39
CA ASP C 60 -26.76 5.11 4.74
C ASP C 60 -26.98 5.33 3.25
N ARG C 61 -26.64 6.50 2.71
CA ARG C 61 -26.65 6.65 1.26
C ARG C 61 -25.54 5.84 0.59
N PHE C 62 -24.58 5.32 1.36
CA PHE C 62 -23.57 4.40 0.84
C PHE C 62 -24.06 2.96 1.05
N SER C 63 -24.01 2.17 -0.02
CA SER C 63 -24.30 0.75 0.08
C SER C 63 -23.34 -0.01 -0.81
N GLY C 64 -23.20 -1.30 -0.53
CA GLY C 64 -22.35 -2.16 -1.34
C GLY C 64 -23.04 -3.47 -1.62
N SER C 65 -22.63 -4.09 -2.72
CA SER C 65 -23.20 -5.38 -3.10
C SER C 65 -22.19 -6.12 -3.97
N GLY C 66 -22.45 -7.40 -4.18
CA GLY C 66 -21.65 -8.22 -5.06
C GLY C 66 -21.05 -9.41 -4.35
N SER C 67 -20.37 -10.24 -5.13
CA SER C 67 -19.75 -11.46 -4.64
C SER C 67 -18.79 -11.97 -5.70
N GLY C 68 -18.01 -12.98 -5.33
CA GLY C 68 -17.10 -13.62 -6.25
C GLY C 68 -16.07 -12.65 -6.80
N THR C 69 -16.25 -12.26 -8.07
CA THR C 69 -15.34 -11.36 -8.73
C THR C 69 -16.00 -10.04 -9.16
N ASP C 70 -17.23 -9.78 -8.74
CA ASP C 70 -17.95 -8.59 -9.17
C ASP C 70 -18.56 -7.88 -7.97
N PHE C 71 -18.25 -6.59 -7.82
CA PHE C 71 -18.72 -5.83 -6.67
C PHE C 71 -19.07 -4.41 -7.10
N THR C 72 -20.02 -3.82 -6.38
CA THR C 72 -20.54 -2.50 -6.71
C THR C 72 -20.67 -1.68 -5.43
N LEU C 73 -20.23 -0.43 -5.49
CA LEU C 73 -20.49 0.57 -4.46
C LEU C 73 -21.47 1.60 -5.01
N THR C 74 -22.56 1.82 -4.28
CA THR C 74 -23.63 2.71 -4.73
C THR C 74 -23.78 3.85 -3.74
N ILE C 75 -23.86 5.07 -4.26
CA ILE C 75 -24.22 6.25 -3.49
C ILE C 75 -25.56 6.74 -4.01
N SER C 76 -26.60 6.65 -3.18
CA SER C 76 -27.95 6.92 -3.65
C SER C 76 -28.12 8.38 -4.08
N SER C 77 -27.61 9.31 -3.30
CA SER C 77 -27.68 10.73 -3.62
C SER C 77 -26.37 11.39 -3.23
N LEU C 78 -25.69 11.99 -4.21
CA LEU C 78 -24.36 12.54 -3.99
C LEU C 78 -24.44 13.88 -3.24
N GLU C 79 -23.80 13.93 -2.09
CA GLU C 79 -23.56 15.17 -1.36
C GLU C 79 -22.27 15.81 -1.83
N PRO C 80 -22.10 17.12 -1.61
CA PRO C 80 -20.84 17.77 -2.03
C PRO C 80 -19.59 17.13 -1.45
N GLU C 81 -19.66 16.63 -0.21
CA GLU C 81 -18.51 16.00 0.42
C GLU C 81 -18.22 14.60 -0.13
N ASP C 82 -19.09 14.07 -0.99
CA ASP C 82 -18.90 12.72 -1.51
C ASP C 82 -17.98 12.65 -2.73
N PHE C 83 -17.56 13.80 -3.27
CA PHE C 83 -16.73 13.81 -4.47
C PHE C 83 -15.27 13.64 -4.04
N ALA C 84 -14.75 12.43 -4.22
CA ALA C 84 -13.43 12.05 -3.75
C ALA C 84 -12.96 10.86 -4.58
N VAL C 85 -11.92 10.19 -4.09
CA VAL C 85 -11.41 8.97 -4.70
C VAL C 85 -11.91 7.78 -3.90
N TYR C 86 -12.25 6.69 -4.59
CA TYR C 86 -12.79 5.51 -3.94
C TYR C 86 -11.97 4.29 -4.34
N TYR C 87 -11.60 3.48 -3.36
CA TYR C 87 -10.78 2.30 -3.56
C TYR C 87 -11.53 1.06 -3.09
N CYS C 88 -11.40 -0.04 -3.82
CA CYS C 88 -11.80 -1.34 -3.32
C CYS C 88 -10.57 -2.13 -2.89
N GLN C 89 -10.80 -3.13 -2.05
CA GLN C 89 -9.70 -3.85 -1.40
C GLN C 89 -10.19 -5.22 -0.96
N GLN C 90 -9.34 -6.24 -1.09
CA GLN C 90 -9.70 -7.59 -0.68
C GLN C 90 -8.81 -8.04 0.46
N TYR C 91 -9.41 -8.76 1.40
CA TYR C 91 -8.70 -9.44 2.48
C TYR C 91 -8.99 -10.94 2.40
N GLY C 92 -7.97 -11.74 2.68
CA GLY C 92 -8.12 -13.18 2.69
C GLY C 92 -7.12 -13.85 1.77
N ASN C 93 -6.74 -13.15 0.72
CA ASN C 93 -5.71 -13.62 -0.21
C ASN C 93 -4.48 -12.75 -0.05
N TRP C 94 -3.31 -13.38 -0.06
CA TRP C 94 -2.09 -12.61 0.13
C TRP C 94 -1.27 -12.57 -1.15
N PRO C 95 -0.74 -11.40 -1.52
CA PRO C 95 -0.78 -10.14 -0.76
C PRO C 95 -2.15 -9.44 -0.75
N LEU C 96 -2.40 -8.68 0.31
CA LEU C 96 -3.55 -7.79 0.34
C LEU C 96 -3.43 -6.78 -0.79
N THR C 97 -4.52 -6.58 -1.54
CA THR C 97 -4.46 -5.77 -2.74
C THR C 97 -5.56 -4.71 -2.74
N PHE C 98 -5.28 -3.60 -3.41
CA PHE C 98 -6.22 -2.51 -3.60
C PHE C 98 -6.47 -2.33 -5.09
N GLY C 99 -7.66 -1.83 -5.42
CA GLY C 99 -7.94 -1.35 -6.75
C GLY C 99 -7.22 -0.04 -6.99
N PRO C 100 -7.07 0.36 -8.26
CA PRO C 100 -6.36 1.61 -8.56
C PRO C 100 -7.14 2.87 -8.20
N GLY C 101 -8.42 2.75 -7.89
CA GLY C 101 -9.19 3.89 -7.44
C GLY C 101 -10.06 4.48 -8.55
N THR C 102 -11.17 5.09 -8.14
CA THR C 102 -12.07 5.80 -9.04
C THR C 102 -12.28 7.21 -8.50
N ARG C 103 -12.10 8.20 -9.35
CA ARG C 103 -12.23 9.60 -8.96
C ARG C 103 -13.60 10.11 -9.35
N LEU C 104 -14.34 10.63 -8.36
CA LEU C 104 -15.63 11.26 -8.58
C LEU C 104 -15.43 12.77 -8.55
N ASP C 105 -15.78 13.43 -9.65
CA ASP C 105 -15.71 14.89 -9.73
C ASP C 105 -17.07 15.44 -10.14
N ILE C 106 -17.23 16.75 -9.96
CA ILE C 106 -18.52 17.41 -10.12
C ILE C 106 -18.70 17.78 -11.59
N ARG C 107 -19.85 17.42 -12.15
CA ARG C 107 -20.18 17.79 -13.53
C ARG C 107 -20.73 19.21 -13.57
N ARG C 108 -20.22 20.01 -14.50
CA ARG C 108 -20.72 21.36 -14.73
C ARG C 108 -20.69 21.64 -16.23
N THR C 109 -21.14 22.83 -16.61
CA THR C 109 -21.12 23.21 -18.01
C THR C 109 -19.68 23.39 -18.50
N VAL C 110 -19.49 23.14 -19.80
CA VAL C 110 -18.16 23.27 -20.39
C VAL C 110 -17.69 24.71 -20.31
N ALA C 111 -16.44 24.91 -19.92
CA ALA C 111 -15.83 26.23 -19.82
C ALA C 111 -14.48 26.20 -20.53
N ALA C 112 -14.32 27.07 -21.51
CA ALA C 112 -13.04 27.16 -22.22
C ALA C 112 -11.99 27.79 -21.30
N PRO C 113 -10.75 27.33 -21.36
CA PRO C 113 -9.70 27.93 -20.52
C PRO C 113 -9.30 29.30 -21.00
N SER C 114 -8.81 30.11 -20.07
CA SER C 114 -8.10 31.33 -20.42
C SER C 114 -6.60 31.03 -20.45
N VAL C 115 -5.95 31.36 -21.56
CA VAL C 115 -4.56 30.96 -21.79
C VAL C 115 -3.66 32.17 -21.63
N PHE C 116 -2.61 32.02 -20.82
CA PHE C 116 -1.60 33.05 -20.63
C PHE C 116 -0.22 32.43 -20.80
N ILE C 117 0.72 33.21 -21.34
CA ILE C 117 2.10 32.76 -21.52
C ILE C 117 3.02 33.74 -20.81
N PHE C 118 3.95 33.21 -20.03
CA PHE C 118 4.93 33.98 -19.28
C PHE C 118 6.33 33.63 -19.76
N PRO C 119 7.05 34.58 -20.35
CA PRO C 119 8.46 34.34 -20.69
C PRO C 119 9.31 34.29 -19.43
N PRO C 120 10.51 33.71 -19.51
CA PRO C 120 11.39 33.68 -18.34
C PRO C 120 11.77 35.08 -17.89
N SER C 121 11.91 35.23 -16.58
CA SER C 121 12.34 36.50 -16.02
C SER C 121 13.83 36.70 -16.24
N ASP C 122 14.25 37.97 -16.27
CA ASP C 122 15.68 38.27 -16.40
C ASP C 122 16.47 37.75 -15.20
N GLU C 123 15.85 37.72 -14.02
CA GLU C 123 16.54 37.19 -12.84
C GLU C 123 16.88 35.72 -13.01
N GLN C 124 15.96 34.93 -13.57
CA GLN C 124 16.25 33.53 -13.82
C GLN C 124 17.25 33.37 -14.97
N LEU C 125 17.15 34.22 -15.99
CA LEU C 125 18.10 34.17 -17.10
C LEU C 125 19.51 34.42 -16.62
N LYS C 126 19.68 35.32 -15.64
CA LYS C 126 21.00 35.53 -15.05
C LYS C 126 21.53 34.26 -14.40
N SER C 127 20.64 33.40 -13.90
CA SER C 127 21.06 32.15 -13.26
C SER C 127 21.46 31.07 -14.25
N GLY C 128 21.17 31.25 -15.54
CA GLY C 128 21.59 30.31 -16.56
C GLY C 128 20.53 29.35 -17.06
N THR C 129 19.30 29.46 -16.59
CA THR C 129 18.20 28.61 -17.05
C THR C 129 17.02 29.48 -17.45
N ALA C 130 16.17 28.94 -18.34
CA ALA C 130 14.99 29.64 -18.81
C ALA C 130 13.78 28.73 -18.65
N SER C 131 12.73 29.26 -18.02
CA SER C 131 11.47 28.56 -17.84
C SER C 131 10.35 29.38 -18.46
N VAL C 132 9.68 28.82 -19.44
CA VAL C 132 8.51 29.44 -20.06
C VAL C 132 7.27 28.78 -19.50
N VAL C 133 6.32 29.57 -19.02
CA VAL C 133 5.17 29.04 -18.29
C VAL C 133 3.90 29.31 -19.09
N CYS C 134 3.08 28.28 -19.26
CA CYS C 134 1.77 28.41 -19.88
C CYS C 134 0.70 28.09 -18.84
N LEU C 135 -0.25 29.00 -18.68
CA LEU C 135 -1.32 28.87 -17.69
C LEU C 135 -2.65 28.74 -18.41
N LEU C 136 -3.40 27.70 -18.05
CA LEU C 136 -4.76 27.47 -18.53
C LEU C 136 -5.68 27.63 -17.33
N ASN C 137 -6.50 28.67 -17.33
CA ASN C 137 -7.24 29.09 -16.15
C ASN C 137 -8.72 28.78 -16.31
N ASN C 138 -9.28 28.11 -15.30
CA ASN C 138 -10.73 28.00 -15.07
C ASN C 138 -11.44 27.35 -16.27
N PHE C 139 -11.11 26.08 -16.48
CA PHE C 139 -11.73 25.29 -17.54
C PHE C 139 -12.36 24.03 -16.98
N TYR C 140 -13.31 23.48 -17.74
CA TYR C 140 -13.95 22.20 -17.48
C TYR C 140 -14.39 21.65 -18.83
N PRO C 141 -14.22 20.34 -19.08
CA PRO C 141 -13.69 19.30 -18.20
C PRO C 141 -12.17 19.31 -18.03
N ARG C 142 -11.68 18.41 -17.19
N ARG C 142 -11.66 18.41 -17.18
CA ARG C 142 -10.26 18.39 -16.82
CA ARG C 142 -10.25 18.43 -16.83
C ARG C 142 -9.36 18.14 -18.02
C ARG C 142 -9.35 18.15 -18.03
N GLU C 143 -9.82 17.36 -18.99
CA GLU C 143 -8.99 16.98 -20.13
C GLU C 143 -8.65 18.20 -20.98
N ALA C 144 -7.34 18.47 -21.13
CA ALA C 144 -6.85 19.56 -21.95
C ALA C 144 -5.47 19.19 -22.47
N LYS C 145 -5.17 19.64 -23.69
CA LYS C 145 -3.90 19.33 -24.33
C LYS C 145 -3.09 20.61 -24.51
N VAL C 146 -1.84 20.58 -24.07
CA VAL C 146 -0.91 21.70 -24.21
C VAL C 146 0.25 21.23 -25.08
N GLN C 147 0.51 21.96 -26.16
CA GLN C 147 1.60 21.66 -27.08
C GLN C 147 2.53 22.87 -27.14
N TRP C 148 3.79 22.65 -26.79
CA TRP C 148 4.81 23.70 -26.86
C TRP C 148 5.40 23.74 -28.26
N LYS C 149 5.59 24.95 -28.78
CA LYS C 149 6.20 25.15 -30.08
C LYS C 149 7.33 26.16 -29.96
N VAL C 150 8.51 25.77 -30.44
CA VAL C 150 9.69 26.64 -30.45
C VAL C 150 10.12 26.78 -31.90
N ASP C 151 10.01 28.00 -32.44
CA ASP C 151 10.27 28.26 -33.85
C ASP C 151 9.47 27.31 -34.74
N ASN C 152 8.21 27.10 -34.38
CA ASN C 152 7.25 26.23 -35.06
C ASN C 152 7.62 24.76 -34.96
N ALA C 153 8.56 24.38 -34.10
CA ALA C 153 8.91 22.99 -33.88
C ALA C 153 8.25 22.48 -32.60
N LEU C 154 7.52 21.38 -32.72
CA LEU C 154 6.80 20.83 -31.57
C LEU C 154 7.79 20.25 -30.56
N GLN C 155 7.59 20.58 -29.29
CA GLN C 155 8.53 20.24 -28.22
C GLN C 155 7.97 19.09 -27.40
N SER C 156 8.78 18.05 -27.20
CA SER C 156 8.43 16.92 -26.37
C SER C 156 9.61 16.56 -25.47
N GLY C 157 9.31 16.17 -24.23
CA GLY C 157 10.31 15.68 -23.31
C GLY C 157 10.98 16.72 -22.44
N ASN C 158 10.69 18.01 -22.64
CA ASN C 158 11.31 19.07 -21.85
C ASN C 158 10.24 19.98 -21.23
N SER C 159 9.06 19.44 -20.97
CA SER C 159 7.98 20.19 -20.35
C SER C 159 7.31 19.33 -19.30
N GLN C 160 6.78 20.00 -18.27
CA GLN C 160 6.10 19.30 -17.17
C GLN C 160 4.79 20.01 -16.84
N GLU C 161 3.82 19.22 -16.39
CA GLU C 161 2.44 19.67 -16.23
C GLU C 161 1.97 19.45 -14.81
N SER C 162 1.09 20.35 -14.35
CA SER C 162 0.46 20.23 -13.05
C SER C 162 -0.96 20.77 -13.14
N VAL C 163 -1.90 20.08 -12.47
CA VAL C 163 -3.31 20.45 -12.50
C VAL C 163 -3.81 20.56 -11.07
N THR C 164 -4.58 21.62 -10.81
CA THR C 164 -5.16 21.82 -9.49
C THR C 164 -6.35 20.88 -9.28
N GLU C 165 -6.74 20.75 -8.00
CA GLU C 165 -7.98 20.07 -7.68
C GLU C 165 -9.16 20.90 -8.18
N GLN C 166 -10.31 20.22 -8.35
CA GLN C 166 -11.50 20.93 -8.79
C GLN C 166 -11.86 22.02 -7.80
N ASP C 167 -12.10 23.22 -8.33
CA ASP C 167 -12.35 24.38 -7.46
C ASP C 167 -13.67 24.24 -6.73
N SER C 168 -13.65 24.58 -5.44
CA SER C 168 -14.84 24.43 -4.61
C SER C 168 -15.95 25.40 -4.98
N LYS C 169 -15.61 26.52 -5.62
CA LYS C 169 -16.61 27.56 -5.87
C LYS C 169 -17.25 27.43 -7.26
N ASP C 170 -16.46 27.16 -8.30
CA ASP C 170 -16.99 27.08 -9.66
C ASP C 170 -16.75 25.74 -10.34
N SER C 171 -16.16 24.77 -9.65
CA SER C 171 -15.99 23.40 -10.15
C SER C 171 -15.14 23.36 -11.43
N THR C 172 -14.21 24.30 -11.58
CA THR C 172 -13.30 24.32 -12.72
C THR C 172 -11.93 23.78 -12.32
N TYR C 173 -11.08 23.59 -13.32
CA TYR C 173 -9.70 23.19 -13.14
C TYR C 173 -8.77 24.24 -13.72
N SER C 174 -7.53 24.23 -13.25
CA SER C 174 -6.47 25.05 -13.81
C SER C 174 -5.23 24.21 -14.03
N LEU C 175 -4.47 24.55 -15.06
CA LEU C 175 -3.30 23.79 -15.48
C LEU C 175 -2.11 24.73 -15.65
N SER C 176 -0.95 24.28 -15.20
CA SER C 176 0.31 24.98 -15.40
C SER C 176 1.28 24.05 -16.11
N SER C 177 1.84 24.52 -17.22
CA SER C 177 2.84 23.77 -17.97
C SER C 177 4.12 24.59 -18.00
N THR C 178 5.24 23.96 -17.70
CA THR C 178 6.54 24.62 -17.66
C THR C 178 7.46 23.96 -18.68
N LEU C 179 7.97 24.76 -19.61
CA LEU C 179 9.00 24.34 -20.56
C LEU C 179 10.33 24.89 -20.08
N THR C 180 11.25 23.99 -19.74
CA THR C 180 12.53 24.35 -19.15
C THR C 180 13.65 24.05 -20.13
N LEU C 181 14.58 24.99 -20.28
CA LEU C 181 15.74 24.77 -21.12
C LEU C 181 16.89 25.65 -20.63
N SER C 182 18.05 25.45 -21.23
CA SER C 182 19.22 26.25 -20.87
C SER C 182 19.12 27.65 -21.47
N LYS C 183 19.89 28.58 -20.90
CA LYS C 183 19.91 29.94 -21.44
C LYS C 183 20.46 29.94 -22.85
N ALA C 184 21.50 29.15 -23.12
CA ALA C 184 22.05 29.07 -24.47
C ALA C 184 21.01 28.55 -25.45
N ASP C 185 20.28 27.50 -25.06
CA ASP C 185 19.21 26.99 -25.92
C ASP C 185 18.10 28.02 -26.08
N TYR C 186 17.76 28.74 -25.02
CA TYR C 186 16.72 29.76 -25.10
C TYR C 186 17.09 30.85 -26.08
N GLU C 187 18.34 31.30 -26.06
CA GLU C 187 18.80 32.34 -26.97
C GLU C 187 18.98 31.85 -28.40
N LYS C 188 18.94 30.54 -28.63
CA LYS C 188 19.06 29.99 -29.98
C LYS C 188 17.77 30.10 -30.78
N HIS C 189 16.67 30.52 -30.17
CA HIS C 189 15.37 30.55 -30.85
C HIS C 189 14.67 31.86 -30.55
N LYS C 190 13.65 32.15 -31.35
CA LYS C 190 12.96 33.44 -31.30
C LYS C 190 11.51 33.34 -30.88
N VAL C 191 10.73 32.47 -31.50
CA VAL C 191 9.28 32.41 -31.30
C VAL C 191 8.98 31.27 -30.33
N TYR C 192 8.31 31.60 -29.21
CA TYR C 192 7.89 30.61 -28.24
C TYR C 192 6.37 30.65 -28.13
N ALA C 193 5.73 29.52 -28.34
CA ALA C 193 4.27 29.46 -28.44
C ALA C 193 3.73 28.29 -27.62
N CYS C 194 2.54 28.49 -27.08
CA CYS C 194 1.79 27.48 -26.35
C CYS C 194 0.44 27.33 -27.03
N GLU C 195 0.14 26.13 -27.52
CA GLU C 195 -1.08 25.84 -28.24
C GLU C 195 -1.95 24.93 -27.39
N VAL C 196 -3.20 25.32 -27.18
CA VAL C 196 -4.11 24.67 -26.25
C VAL C 196 -5.29 24.09 -27.02
N THR C 197 -5.56 22.81 -26.78
CA THR C 197 -6.72 22.12 -27.31
C THR C 197 -7.63 21.75 -26.14
N HIS C 198 -8.91 22.09 -26.27
CA HIS C 198 -9.89 21.81 -25.23
C HIS C 198 -11.27 21.69 -25.87
N GLN C 199 -12.16 20.98 -25.18
CA GLN C 199 -13.51 20.78 -25.69
C GLN C 199 -14.26 22.09 -25.85
N GLY C 200 -13.97 23.07 -25.00
CA GLY C 200 -14.65 24.35 -25.06
C GLY C 200 -14.12 25.31 -26.10
N LEU C 201 -13.12 24.90 -26.87
CA LEU C 201 -12.55 25.73 -27.93
C LEU C 201 -12.89 25.12 -29.28
N SER C 202 -13.39 25.96 -30.20
CA SER C 202 -13.70 25.49 -31.54
C SER C 202 -12.45 25.05 -32.29
N SER C 203 -11.36 25.79 -32.11
CA SER C 203 -10.06 25.44 -32.67
C SER C 203 -8.99 25.74 -31.62
N PRO C 204 -7.84 25.06 -31.69
CA PRO C 204 -6.79 25.29 -30.70
C PRO C 204 -6.36 26.75 -30.66
N VAL C 205 -6.09 27.24 -29.45
CA VAL C 205 -5.75 28.64 -29.20
C VAL C 205 -4.26 28.72 -28.93
N THR C 206 -3.57 29.64 -29.62
CA THR C 206 -2.13 29.79 -29.49
C THR C 206 -1.80 31.13 -28.84
N LYS C 207 -0.97 31.09 -27.79
CA LYS C 207 -0.40 32.28 -27.18
C LYS C 207 1.12 32.22 -27.36
N SER C 208 1.70 33.29 -27.91
CA SER C 208 3.11 33.25 -28.29
C SER C 208 3.78 34.57 -27.99
N PHE C 209 5.11 34.54 -27.99
CA PHE C 209 5.91 35.74 -27.85
C PHE C 209 7.24 35.56 -28.57
N ASN C 210 7.91 36.68 -28.81
CA ASN C 210 9.24 36.70 -29.41
C ASN C 210 10.26 37.06 -28.33
N ARG C 211 11.33 36.28 -28.27
CA ARG C 211 12.37 36.47 -27.27
C ARG C 211 13.05 37.83 -27.40
C1 NAG D . -0.80 -28.69 -7.82
C2 NAG D . -1.44 -27.48 -7.15
C3 NAG D . -2.18 -26.62 -8.18
C4 NAG D . -1.25 -26.26 -9.33
C5 NAG D . -0.62 -27.52 -9.92
C6 NAG D . 0.39 -27.22 -10.99
C7 NAG D . -2.10 -27.66 -4.78
C8 NAG D . -3.14 -28.15 -3.82
N2 NAG D . -2.34 -27.89 -6.08
O3 NAG D . -2.66 -25.44 -7.54
O4 NAG D . -1.98 -25.59 -10.35
O5 NAG D . 0.06 -28.25 -8.88
O6 NAG D . -0.23 -27.01 -12.25
O7 NAG D . -1.10 -27.07 -4.41
C1 EDO E . -9.23 -20.46 15.53
O1 EDO E . -8.58 -19.49 16.37
C2 EDO E . -8.71 -20.32 14.11
O2 EDO E . -7.28 -20.45 14.10
C1 GOL F . 4.19 22.93 -11.01
O1 GOL F . 3.22 23.81 -10.55
C2 GOL F . 4.82 23.56 -12.25
O2 GOL F . 6.19 23.33 -12.33
C3 GOL F . 4.06 22.93 -13.45
O3 GOL F . 4.33 23.73 -14.55
N GLY G . 12.83 40.17 -25.35
CA GLY G . 12.65 41.15 -26.40
C GLY G . 11.21 41.60 -26.55
O GLY G . 10.58 41.40 -27.59
C1 PEG H . -4.90 8.78 -7.94
O1 PEG H . -4.47 9.64 -6.90
C2 PEG H . -6.03 7.90 -7.50
O2 PEG H . -6.57 7.22 -8.63
C3 PEG H . -7.61 7.94 -9.26
C4 PEG H . -7.82 7.41 -10.64
O4 PEG H . -8.17 8.44 -11.55
C1 EDO I . -17.47 -10.95 1.19
O1 EDO I . -16.61 -9.91 0.68
C2 EDO I . -18.07 -11.70 0.01
O2 EDO I . -17.03 -12.23 -0.81
C1 EDO J . -25.31 -3.42 8.40
O1 EDO J . -23.92 -3.27 8.65
C2 EDO J . -25.78 -2.31 7.45
O2 EDO J . -25.09 -2.43 6.21
#